data_4WVY
#
_entry.id   4WVY
#
_cell.length_a   210.348
_cell.length_b   210.348
_cell.length_c   137.140
_cell.angle_alpha   90.000
_cell.angle_beta   90.000
_cell.angle_gamma   120.000
#
_symmetry.space_group_name_H-M   'H 3 2'
#
loop_
_entity.id
_entity.type
_entity.pdbx_description
1 polymer 'RuvB-like 1'
2 polymer 'RuvB-like 2'
3 non-polymer "ADENOSINE-5'-TRIPHOSPHATE"
#
loop_
_entity_poly.entity_id
_entity_poly.type
_entity_poly.pdbx_seq_one_letter_code
_entity_poly.pdbx_strand_id
1 'polypeptide(L)'
;MVQISEVRGNTRDHRTAAHTHIKGLGLNSSGIAEKQAAGFVGQCAAREACGVVVDLIKAHKMAGRGVLLAGGPGTGKTAL
ALAISQELGTKIPFCPITGSEIYSTEVKKTEVLMENFRRAIGLRVRETKDVYEGEVTEMTPEEAENPLGGYGKTISTLLI
GLKSARGQKKLRLDPSIYEAIQKERVQVGDVIYIETNTGACKRVGRSDAYATEFDLEAEEYVPIPKGEVHKKKEIVQDVT
LHDLDVANARPQGGQDIISMMGQLMKPKMTEITDKLRMEINKVVQKYINQGVAELIPGVLFIDEAHMLDIECFTYLNKAL
ESPIAPIVVLASNRGIATIRGADDLKAAHGIPPDFLQRLLIIPTHPYEPDEIRRIVRIRAQTEGVQLTDAAVDRVAEHGV
RISLRYCLQLLAPASILARVNGRTQVDVQDIAEAEELFLDARRSANILTSTGESGGLHGFIS
;
A
2 'polypeptide(L)'
;MGSSHHHHHHHHSSGLEVLFQGPGSMAAPLVTSVTETKELRGLNLIAAHSHIRGLGVDADTLEPRPSSQGLVGQEKARKA
AAVVLEMIKQGKIAGRAVLIAGPPSTGKTAIAMGMAQSLGQDVPFTTLAASEIFSLEMSKTEALTQAFRKSIGVRIKEES
EIMEGEVVEIQIDRSVTGGAKQGKLTIKTTDMEAIYDMGSKMIDAMTKERVMAGDIISIDKSSGKITKLGRSYARSRDYD
AMGVDTKFLQCPEGELQKRKEVVHTVSLHEIDVINSRTQGFLALFSGDTGEIRSEIRDQINTKVAEWKEEGKAEIVPGVL
FIDEVHMLDIECFSYINRALESDLAPIVIMASNRGVSRIRGTDYKSPHGLPLDFLDRVVIINTHPYTPDELRQILSIRAQ
EEEVDLTPDALALLTKIGQEAGLRYASNLITTSQLIAAKRRAKQVGVEDVQRSFKLFYDPARSVRFVQESEKRLIGNDGV
VDFSYQGAAEAAAPTLPAAAPVDPVGGEKMDMS
;
B
#
loop_
_chem_comp.id
_chem_comp.type
_chem_comp.name
_chem_comp.formula
ATP non-polymer ADENOSINE-5'-TRIPHOSPHATE 'C10 H16 N5 O13 P3'
#
# COMPACT_ATOMS: atom_id res chain seq x y z
N ILE A 4 18.27 -15.17 -18.07
CA ILE A 4 18.04 -15.65 -16.71
C ILE A 4 18.97 -14.96 -15.69
N SER A 5 20.14 -14.47 -16.14
CA SER A 5 21.11 -13.76 -15.29
C SER A 5 20.57 -12.38 -14.89
N GLU A 6 19.91 -11.69 -15.83
CA GLU A 6 19.28 -10.36 -15.65
C GLU A 6 18.07 -10.44 -14.71
N VAL A 7 17.40 -11.62 -14.66
CA VAL A 7 16.22 -11.90 -13.84
C VAL A 7 16.57 -11.82 -12.35
N ARG A 8 16.02 -10.81 -11.66
CA ARG A 8 16.23 -10.60 -10.22
C ARG A 8 14.95 -10.89 -9.42
N GLY A 9 15.14 -11.49 -8.26
CA GLY A 9 14.05 -11.88 -7.36
C GLY A 9 13.44 -10.76 -6.56
N ASN A 10 12.13 -10.55 -6.73
CA ASN A 10 11.34 -9.57 -5.99
C ASN A 10 10.44 -10.33 -5.00
N THR A 11 10.69 -10.11 -3.70
CA THR A 11 9.97 -10.80 -2.62
C THR A 11 9.21 -9.85 -1.72
N ARG A 12 7.99 -10.26 -1.32
CA ARG A 12 7.12 -9.49 -0.42
C ARG A 12 7.64 -9.63 1.01
N ASP A 13 8.58 -8.75 1.39
CA ASP A 13 9.24 -8.75 2.70
C ASP A 13 8.37 -8.21 3.85
N HIS A 14 7.28 -7.48 3.52
CA HIS A 14 6.34 -6.90 4.48
C HIS A 14 5.56 -7.97 5.26
N ARG A 15 5.30 -9.12 4.62
CA ARG A 15 4.57 -10.26 5.19
C ARG A 15 5.43 -10.97 6.25
N THR A 16 6.72 -11.18 5.94
CA THR A 16 7.69 -11.84 6.81
C THR A 16 8.39 -10.86 7.78
N ALA A 17 8.06 -9.55 7.70
CA ALA A 17 8.63 -8.47 8.51
C ALA A 17 8.37 -8.64 10.01
N ALA A 18 7.22 -9.24 10.37
CA ALA A 18 6.84 -9.48 11.76
C ALA A 18 7.51 -10.74 12.33
N HIS A 19 8.24 -11.50 11.50
CA HIS A 19 8.90 -12.74 11.89
C HIS A 19 10.43 -12.75 11.65
N THR A 20 11.03 -11.56 11.38
CA THR A 20 12.47 -11.37 11.15
C THR A 20 13.30 -11.76 12.38
N HIS A 21 12.63 -11.78 13.55
CA HIS A 21 13.15 -12.11 14.87
C HIS A 21 13.34 -13.64 15.03
N ILE A 22 12.70 -14.44 14.13
CA ILE A 22 12.79 -15.90 14.10
C ILE A 22 13.85 -16.34 13.07
N LYS A 23 14.80 -17.19 13.49
CA LYS A 23 15.87 -17.71 12.63
C LYS A 23 15.57 -19.10 12.07
N GLY A 24 14.62 -19.81 12.69
CA GLY A 24 14.21 -21.15 12.28
C GLY A 24 13.44 -21.91 13.33
N LEU A 25 13.73 -23.20 13.49
CA LEU A 25 13.10 -24.08 14.47
C LEU A 25 14.16 -24.60 15.45
N GLY A 26 14.01 -24.22 16.72
CA GLY A 26 14.93 -24.61 17.78
C GLY A 26 14.73 -26.03 18.29
N LEU A 27 15.58 -26.96 17.82
CA LEU A 27 15.54 -28.38 18.22
C LEU A 27 16.91 -29.06 18.17
N ASN A 28 17.13 -30.03 19.07
CA ASN A 28 18.37 -30.81 19.15
C ASN A 28 18.41 -31.98 18.15
N SER A 29 19.55 -32.70 18.09
CA SER A 29 19.82 -33.83 17.19
C SER A 29 18.76 -34.95 17.21
N SER A 30 18.25 -35.30 18.41
CA SER A 30 17.23 -36.35 18.57
C SER A 30 15.85 -35.93 18.05
N GLY A 31 15.58 -34.63 18.06
CA GLY A 31 14.32 -34.07 17.58
C GLY A 31 13.54 -33.24 18.57
N ILE A 32 13.85 -33.36 19.88
CA ILE A 32 13.18 -32.64 20.98
C ILE A 32 13.48 -31.14 20.91
N ALA A 33 12.43 -30.31 21.02
CA ALA A 33 12.54 -28.85 20.97
C ALA A 33 13.14 -28.26 22.25
N GLU A 34 13.93 -27.19 22.11
CA GLU A 34 14.56 -26.46 23.21
C GLU A 34 13.57 -25.46 23.81
N LYS A 35 13.79 -25.08 25.09
CA LYS A 35 12.93 -24.12 25.81
C LYS A 35 12.92 -22.73 25.14
N GLN A 36 14.11 -22.26 24.71
CA GLN A 36 14.26 -20.97 24.01
C GLN A 36 15.44 -21.03 23.03
N ALA A 37 15.13 -21.22 21.73
CA ALA A 37 16.10 -21.32 20.63
C ALA A 37 15.49 -20.89 19.29
N ALA A 38 16.33 -20.33 18.40
CA ALA A 38 16.00 -19.83 17.05
C ALA A 38 14.94 -18.71 17.03
N GLY A 39 14.76 -18.07 18.19
CA GLY A 39 13.79 -16.98 18.38
C GLY A 39 12.41 -17.48 18.74
N PHE A 40 12.32 -18.67 19.38
CA PHE A 40 11.05 -19.28 19.77
C PHE A 40 10.90 -19.43 21.28
N VAL A 41 9.67 -19.23 21.79
CA VAL A 41 9.30 -19.35 23.20
C VAL A 41 8.11 -20.31 23.30
N GLY A 42 8.32 -21.42 24.00
CA GLY A 42 7.30 -22.45 24.20
C GLY A 42 6.89 -23.13 22.90
N GLN A 43 5.60 -23.54 22.82
CA GLN A 43 4.99 -24.22 21.67
C GLN A 43 5.74 -25.52 21.28
N CYS A 44 6.29 -26.22 22.31
CA CYS A 44 7.07 -27.45 22.18
C CYS A 44 6.38 -28.54 21.37
N ALA A 45 5.10 -28.82 21.68
CA ALA A 45 4.27 -29.83 21.00
C ALA A 45 4.15 -29.59 19.50
N ALA A 46 3.80 -28.34 19.11
CA ALA A 46 3.65 -27.96 17.70
C ALA A 46 5.00 -27.84 16.97
N ARG A 47 6.04 -27.30 17.67
CA ARG A 47 7.40 -27.14 17.13
C ARG A 47 7.99 -28.50 16.72
N GLU A 48 7.93 -29.50 17.63
CA GLU A 48 8.41 -30.86 17.41
C GLU A 48 7.63 -31.55 16.29
N ALA A 49 6.30 -31.33 16.24
CA ALA A 49 5.38 -31.91 15.24
C ALA A 49 5.78 -31.55 13.82
N CYS A 50 5.97 -30.24 13.53
CA CYS A 50 6.41 -29.83 12.19
C CYS A 50 7.91 -30.03 12.01
N GLY A 51 8.61 -30.30 13.11
CA GLY A 51 10.03 -30.62 13.11
C GLY A 51 10.26 -32.04 12.63
N VAL A 52 9.15 -32.80 12.49
CA VAL A 52 9.08 -34.17 11.99
C VAL A 52 8.67 -34.12 10.51
N VAL A 53 7.76 -33.17 10.15
CA VAL A 53 7.27 -33.02 8.78
C VAL A 53 8.40 -32.58 7.84
N VAL A 54 9.38 -31.79 8.35
CA VAL A 54 10.55 -31.33 7.58
C VAL A 54 11.41 -32.53 7.16
N ASP A 55 11.50 -33.56 8.02
CA ASP A 55 12.23 -34.80 7.76
C ASP A 55 11.46 -35.67 6.76
N LEU A 56 10.11 -35.67 6.84
CA LEU A 56 9.22 -36.42 5.93
C LEU A 56 9.33 -35.90 4.49
N ILE A 57 9.60 -34.60 4.32
CA ILE A 57 9.79 -33.94 3.03
C ILE A 57 11.17 -34.38 2.48
N LYS A 58 12.21 -34.31 3.36
CA LYS A 58 13.60 -34.67 3.05
C LYS A 58 13.73 -36.16 2.67
N ALA A 59 12.92 -37.03 3.31
CA ALA A 59 12.88 -38.47 3.07
C ALA A 59 11.95 -38.83 1.90
N HIS A 60 11.28 -37.81 1.32
CA HIS A 60 10.33 -37.91 0.19
C HIS A 60 9.18 -38.88 0.50
N LYS A 61 8.66 -38.80 1.74
CA LYS A 61 7.57 -39.63 2.25
C LYS A 61 6.23 -38.86 2.35
N MET A 62 6.22 -37.59 1.90
CA MET A 62 5.04 -36.73 1.90
C MET A 62 4.24 -36.88 0.58
N ALA A 63 4.01 -38.14 0.16
CA ALA A 63 3.31 -38.51 -1.08
C ALA A 63 1.87 -37.99 -1.08
N GLY A 64 1.67 -36.86 -1.76
CA GLY A 64 0.40 -36.18 -1.86
C GLY A 64 -0.14 -35.75 -0.52
N ARG A 65 0.73 -35.17 0.32
CA ARG A 65 0.39 -34.75 1.68
C ARG A 65 0.70 -33.28 1.94
N GLY A 66 0.00 -32.71 2.93
CA GLY A 66 0.15 -31.33 3.38
C GLY A 66 0.18 -31.23 4.89
N VAL A 67 0.11 -29.98 5.41
CA VAL A 67 0.13 -29.71 6.85
C VAL A 67 -0.98 -28.70 7.19
N LEU A 68 -1.64 -28.87 8.35
CA LEU A 68 -2.66 -27.93 8.82
C LEU A 68 -2.32 -27.46 10.22
N LEU A 69 -2.27 -26.13 10.42
CA LEU A 69 -1.97 -25.53 11.71
C LEU A 69 -3.25 -25.03 12.37
N ALA A 70 -3.80 -25.83 13.30
CA ALA A 70 -5.03 -25.53 14.02
C ALA A 70 -4.73 -24.82 15.33
N GLY A 71 -5.30 -23.64 15.50
CA GLY A 71 -5.11 -22.82 16.69
C GLY A 71 -5.66 -21.41 16.55
N GLY A 72 -5.77 -20.71 17.67
CA GLY A 72 -6.29 -19.36 17.74
C GLY A 72 -5.42 -18.28 17.11
N PRO A 73 -5.84 -17.00 17.17
CA PRO A 73 -5.01 -15.93 16.58
C PRO A 73 -3.79 -15.61 17.46
N GLY A 74 -2.62 -15.58 16.83
CA GLY A 74 -1.36 -15.31 17.50
C GLY A 74 -0.90 -16.47 18.36
N THR A 75 -0.89 -17.68 17.78
CA THR A 75 -0.47 -18.93 18.43
C THR A 75 0.76 -19.56 17.75
N GLY A 76 1.54 -18.75 17.03
CA GLY A 76 2.75 -19.19 16.34
C GLY A 76 2.57 -19.91 15.02
N LYS A 77 1.35 -19.86 14.44
CA LYS A 77 0.97 -20.48 13.16
C LYS A 77 1.84 -20.04 11.97
N THR A 78 1.76 -18.74 11.56
CA THR A 78 2.55 -18.17 10.45
C THR A 78 4.05 -18.31 10.72
N ALA A 79 4.42 -18.21 12.01
CA ALA A 79 5.79 -18.32 12.52
C ALA A 79 6.37 -19.72 12.29
N LEU A 80 5.59 -20.77 12.62
CA LEU A 80 6.00 -22.18 12.44
C LEU A 80 6.14 -22.54 10.97
N ALA A 81 5.31 -21.92 10.11
CA ALA A 81 5.32 -22.13 8.67
C ALA A 81 6.65 -21.65 8.09
N LEU A 82 7.12 -20.46 8.53
CA LEU A 82 8.40 -19.87 8.13
C LEU A 82 9.56 -20.75 8.63
N ALA A 83 9.40 -21.36 9.83
CA ALA A 83 10.39 -22.26 10.41
C ALA A 83 10.56 -23.53 9.56
N ILE A 84 9.44 -24.04 8.99
CA ILE A 84 9.42 -25.21 8.09
C ILE A 84 10.28 -24.95 6.85
N SER A 85 10.20 -23.73 6.27
CA SER A 85 11.01 -23.35 5.13
C SER A 85 12.48 -23.26 5.57
N GLN A 86 12.77 -22.42 6.58
CA GLN A 86 14.11 -22.20 7.17
C GLN A 86 14.88 -23.48 7.47
N GLU A 87 14.17 -24.55 7.89
CA GLU A 87 14.76 -25.85 8.22
C GLU A 87 14.89 -26.81 7.02
N LEU A 88 14.19 -26.52 5.91
CA LEU A 88 14.23 -27.36 4.69
C LEU A 88 15.55 -27.23 3.94
N GLY A 89 16.05 -26.00 3.80
CA GLY A 89 17.31 -25.71 3.12
C GLY A 89 17.69 -24.26 3.10
N THR A 90 18.71 -23.91 2.29
CA THR A 90 19.19 -22.54 2.16
C THR A 90 18.59 -21.88 0.93
N LYS A 91 18.01 -20.68 1.12
CA LYS A 91 17.39 -19.85 0.08
C LYS A 91 16.26 -20.61 -0.64
N ILE A 92 15.27 -21.01 0.17
CA ILE A 92 14.07 -21.76 -0.20
C ILE A 92 12.85 -20.83 -0.27
N PRO A 93 11.89 -21.07 -1.20
CA PRO A 93 10.74 -20.17 -1.30
C PRO A 93 9.67 -20.43 -0.25
N PHE A 94 9.22 -19.34 0.40
CA PHE A 94 8.16 -19.34 1.40
C PHE A 94 7.13 -18.32 0.94
N CYS A 95 5.93 -18.81 0.57
CA CYS A 95 4.87 -17.93 0.08
C CYS A 95 3.68 -17.84 1.04
N PRO A 96 3.63 -16.81 1.92
CA PRO A 96 2.49 -16.69 2.84
C PRO A 96 1.30 -15.96 2.21
N ILE A 97 0.14 -16.63 2.17
CA ILE A 97 -1.11 -16.10 1.63
C ILE A 97 -2.19 -16.19 2.70
N THR A 98 -3.32 -15.51 2.46
CA THR A 98 -4.52 -15.54 3.28
C THR A 98 -5.66 -15.84 2.32
N GLY A 99 -6.66 -16.60 2.76
CA GLY A 99 -7.81 -16.97 1.94
C GLY A 99 -8.51 -15.81 1.27
N SER A 100 -8.43 -14.63 1.91
CA SER A 100 -9.00 -13.36 1.45
C SER A 100 -8.30 -12.81 0.20
N GLU A 101 -7.00 -13.15 0.01
CA GLU A 101 -6.20 -12.72 -1.14
C GLU A 101 -6.69 -13.33 -2.45
N ILE A 102 -7.23 -14.57 -2.37
CA ILE A 102 -7.80 -15.32 -3.50
C ILE A 102 -8.99 -14.57 -4.08
N TYR A 103 -9.76 -13.89 -3.21
CA TYR A 103 -10.95 -13.11 -3.56
C TYR A 103 -10.56 -11.79 -4.27
N SER A 104 -10.21 -11.91 -5.56
CA SER A 104 -9.79 -10.81 -6.43
C SER A 104 -10.93 -10.32 -7.32
N THR A 105 -10.76 -9.11 -7.89
CA THR A 105 -11.75 -8.47 -8.75
C THR A 105 -11.56 -8.78 -10.24
N GLU A 106 -10.31 -8.73 -10.74
CA GLU A 106 -9.99 -8.98 -12.15
C GLU A 106 -9.68 -10.45 -12.44
N VAL A 107 -8.61 -11.00 -11.83
CA VAL A 107 -8.17 -12.39 -12.03
C VAL A 107 -9.10 -13.39 -11.31
N LYS A 108 -9.16 -14.64 -11.82
CA LYS A 108 -9.96 -15.73 -11.25
C LYS A 108 -9.38 -16.20 -9.91
N LYS A 109 -10.18 -16.95 -9.12
CA LYS A 109 -9.81 -17.48 -7.81
C LYS A 109 -8.51 -18.31 -7.81
N THR A 110 -8.14 -18.89 -8.97
CA THR A 110 -6.91 -19.68 -9.11
C THR A 110 -5.87 -19.04 -10.03
N GLU A 111 -6.19 -17.92 -10.69
CA GLU A 111 -5.20 -17.21 -11.51
C GLU A 111 -4.26 -16.47 -10.55
N VAL A 112 -4.75 -16.20 -9.33
CA VAL A 112 -4.07 -15.58 -8.20
C VAL A 112 -3.42 -16.67 -7.32
N LEU A 113 -4.04 -17.88 -7.26
CA LEU A 113 -3.50 -19.02 -6.51
C LEU A 113 -2.39 -19.69 -7.31
N MET A 114 -2.39 -19.51 -8.64
CA MET A 114 -1.39 -20.04 -9.57
C MET A 114 -0.06 -19.35 -9.39
N GLU A 115 -0.04 -18.00 -9.48
CA GLU A 115 1.19 -17.18 -9.33
C GLU A 115 1.84 -17.35 -7.96
N ASN A 116 1.04 -17.66 -6.92
CA ASN A 116 1.51 -17.91 -5.57
C ASN A 116 2.20 -19.27 -5.49
N PHE A 117 1.73 -20.24 -6.30
CA PHE A 117 2.34 -21.57 -6.41
C PHE A 117 3.66 -21.44 -7.18
N ARG A 118 3.71 -20.48 -8.14
CA ARG A 118 4.90 -20.16 -8.93
C ARG A 118 5.90 -19.41 -8.05
N ARG A 119 5.39 -18.73 -7.00
CA ARG A 119 6.16 -17.96 -6.02
C ARG A 119 6.73 -18.88 -4.92
N ALA A 120 6.30 -20.16 -4.92
CA ALA A 120 6.72 -21.18 -3.95
C ALA A 120 7.66 -22.26 -4.54
N ILE A 121 7.88 -22.24 -5.87
CA ILE A 121 8.78 -23.18 -6.55
C ILE A 121 9.96 -22.38 -7.13
N GLY A 122 11.15 -22.61 -6.57
CA GLY A 122 12.38 -21.91 -6.96
C GLY A 122 13.30 -22.67 -7.89
N LEU A 123 14.44 -22.05 -8.21
CA LEU A 123 15.48 -22.61 -9.10
C LEU A 123 16.88 -22.30 -8.58
N ARG A 124 17.65 -23.34 -8.22
CA ARG A 124 19.03 -23.20 -7.75
C ARG A 124 19.97 -23.39 -8.94
N VAL A 125 20.69 -22.31 -9.30
CA VAL A 125 21.62 -22.30 -10.44
C VAL A 125 23.07 -22.33 -9.96
N ARG A 126 23.90 -23.16 -10.62
CA ARG A 126 25.33 -23.30 -10.33
C ARG A 126 26.14 -23.54 -11.62
N GLU A 127 26.09 -22.55 -12.53
CA GLU A 127 26.77 -22.58 -13.83
C GLU A 127 28.11 -21.83 -13.79
N THR A 128 29.19 -22.53 -14.19
CA THR A 128 30.54 -21.99 -14.29
C THR A 128 31.02 -22.16 -15.74
N LYS A 129 31.03 -21.04 -16.49
CA LYS A 129 31.41 -21.03 -17.91
C LYS A 129 32.72 -20.29 -18.19
N ASP A 130 33.48 -20.77 -19.18
CA ASP A 130 34.76 -20.20 -19.62
C ASP A 130 34.60 -19.50 -20.98
N VAL A 131 34.36 -18.18 -20.94
CA VAL A 131 34.13 -17.32 -22.10
C VAL A 131 35.39 -17.09 -22.94
N TYR A 132 35.24 -17.15 -24.28
CA TYR A 132 36.27 -16.90 -25.28
C TYR A 132 35.65 -16.01 -26.38
N GLU A 133 35.61 -14.69 -26.12
CA GLU A 133 35.02 -13.70 -27.02
C GLU A 133 36.05 -12.84 -27.74
N GLY A 134 35.77 -12.55 -29.02
CA GLY A 134 36.61 -11.73 -29.88
C GLY A 134 36.60 -12.18 -31.34
N GLU A 135 37.47 -11.56 -32.16
CA GLU A 135 37.62 -11.85 -33.59
C GLU A 135 38.28 -13.21 -33.87
N VAL A 136 38.62 -13.50 -35.15
CA VAL A 136 39.23 -14.76 -35.54
C VAL A 136 40.49 -14.52 -36.41
N THR A 137 41.62 -15.13 -36.00
CA THR A 137 42.90 -15.10 -36.70
C THR A 137 43.40 -16.54 -36.78
N GLU A 138 42.89 -17.29 -37.79
CA GLU A 138 43.16 -18.71 -38.03
C GLU A 138 44.61 -19.07 -38.37
N MET A 139 45.06 -20.19 -37.80
CA MET A 139 46.37 -20.82 -37.98
C MET A 139 46.10 -22.33 -38.08
N THR A 140 46.85 -23.06 -38.92
CA THR A 140 46.62 -24.49 -39.13
C THR A 140 47.73 -25.39 -38.52
N PRO A 141 47.56 -25.89 -37.28
CA PRO A 141 48.55 -26.80 -36.69
C PRO A 141 48.22 -28.28 -37.00
N GLU A 142 48.90 -29.23 -36.33
CA GLU A 142 48.66 -30.66 -36.52
C GLU A 142 47.44 -31.17 -35.75
N THR A 157 43.19 -29.27 -32.48
CA THR A 157 43.92 -29.41 -33.74
C THR A 157 43.86 -28.11 -34.59
N LEU A 158 43.36 -27.01 -33.99
CA LEU A 158 43.26 -25.70 -34.67
C LEU A 158 43.64 -24.55 -33.73
N LEU A 159 44.43 -23.59 -34.25
CA LEU A 159 44.88 -22.40 -33.52
C LEU A 159 44.14 -21.16 -34.02
N ILE A 160 43.41 -20.49 -33.11
CA ILE A 160 42.64 -19.27 -33.41
C ILE A 160 42.98 -18.15 -32.42
N GLY A 161 43.34 -16.99 -32.96
CA GLY A 161 43.68 -15.79 -32.20
C GLY A 161 42.52 -14.82 -32.12
N LEU A 162 42.01 -14.58 -30.91
CA LEU A 162 40.87 -13.69 -30.68
C LEU A 162 41.31 -12.28 -30.29
N LYS A 163 40.59 -11.27 -30.81
CA LYS A 163 40.87 -9.86 -30.55
C LYS A 163 39.67 -9.18 -29.87
N SER A 164 39.87 -8.77 -28.61
CA SER A 164 38.86 -8.08 -27.81
C SER A 164 39.19 -6.58 -27.69
N ALA A 165 38.26 -5.78 -27.14
CA ALA A 165 38.37 -4.33 -26.96
C ALA A 165 39.57 -3.85 -26.14
N ARG A 166 40.07 -4.70 -25.21
CA ARG A 166 41.20 -4.37 -24.33
C ARG A 166 42.25 -5.50 -24.20
N GLY A 167 42.15 -6.53 -25.05
CA GLY A 167 43.08 -7.66 -25.02
C GLY A 167 43.16 -8.48 -26.30
N GLN A 168 44.24 -9.28 -26.42
CA GLN A 168 44.54 -10.16 -27.55
C GLN A 168 45.18 -11.45 -27.04
N LYS A 169 44.62 -12.62 -27.45
CA LYS A 169 45.12 -13.95 -27.04
C LYS A 169 44.93 -15.01 -28.12
N LYS A 170 45.95 -15.88 -28.29
CA LYS A 170 45.96 -17.00 -29.24
C LYS A 170 45.83 -18.31 -28.46
N LEU A 171 44.95 -19.22 -28.91
CA LEU A 171 44.73 -20.49 -28.22
C LEU A 171 44.65 -21.71 -29.13
N ARG A 172 45.26 -22.82 -28.69
CA ARG A 172 45.29 -24.12 -29.38
C ARG A 172 44.03 -24.89 -28.95
N LEU A 173 42.99 -24.86 -29.79
CA LEU A 173 41.69 -25.50 -29.54
C LEU A 173 41.75 -27.03 -29.60
N ASP A 174 40.85 -27.68 -28.84
CA ASP A 174 40.70 -29.13 -28.76
C ASP A 174 40.09 -29.68 -30.07
N PRO A 175 40.31 -30.97 -30.46
CA PRO A 175 39.69 -31.47 -31.71
C PRO A 175 38.16 -31.54 -31.69
N SER A 176 37.55 -31.45 -30.49
CA SER A 176 36.09 -31.46 -30.28
C SER A 176 35.45 -30.17 -30.81
N ILE A 177 36.13 -29.03 -30.62
CA ILE A 177 35.69 -27.70 -31.07
C ILE A 177 35.84 -27.61 -32.61
N TYR A 178 36.92 -28.23 -33.15
CA TYR A 178 37.24 -28.30 -34.59
C TYR A 178 36.08 -28.86 -35.43
N GLU A 179 35.38 -29.89 -34.91
CA GLU A 179 34.25 -30.52 -35.57
C GLU A 179 33.01 -29.61 -35.51
N ALA A 180 32.85 -28.87 -34.38
CA ALA A 180 31.74 -27.94 -34.15
C ALA A 180 31.85 -26.65 -34.95
N ILE A 181 33.10 -26.15 -35.18
CA ILE A 181 33.33 -24.91 -35.93
C ILE A 181 33.12 -25.11 -37.44
N GLN A 182 33.44 -26.33 -37.96
CA GLN A 182 33.29 -26.68 -39.38
C GLN A 182 31.81 -26.76 -39.80
N LYS A 183 30.91 -27.06 -38.84
CA LYS A 183 29.46 -27.15 -39.07
C LYS A 183 28.86 -25.76 -39.29
N GLU A 184 29.32 -24.75 -38.53
CA GLU A 184 28.86 -23.36 -38.63
C GLU A 184 29.97 -22.46 -39.22
N ARG A 185 29.93 -22.28 -40.56
CA ARG A 185 30.86 -21.53 -41.43
C ARG A 185 31.63 -20.38 -40.76
N VAL A 186 32.98 -20.42 -40.85
CA VAL A 186 33.91 -19.45 -40.27
C VAL A 186 34.89 -18.87 -41.30
N GLN A 187 35.32 -17.62 -41.07
CA GLN A 187 36.30 -16.88 -41.86
C GLN A 187 37.09 -15.94 -40.93
N VAL A 188 38.25 -15.45 -41.39
CA VAL A 188 39.12 -14.55 -40.62
C VAL A 188 38.46 -13.17 -40.48
N GLY A 189 38.24 -12.75 -39.24
CA GLY A 189 37.61 -11.47 -38.90
C GLY A 189 36.15 -11.59 -38.52
N ASP A 190 35.79 -12.67 -37.80
CA ASP A 190 34.42 -12.94 -37.34
C ASP A 190 34.38 -12.97 -35.81
N VAL A 191 33.41 -12.23 -35.21
CA VAL A 191 33.21 -12.18 -33.75
C VAL A 191 32.56 -13.51 -33.32
N ILE A 192 33.21 -14.24 -32.40
CA ILE A 192 32.73 -15.56 -31.94
C ILE A 192 32.58 -15.68 -30.42
N TYR A 193 31.69 -16.59 -29.98
CA TYR A 193 31.42 -16.91 -28.58
C TYR A 193 31.56 -18.43 -28.44
N ILE A 194 32.73 -18.91 -28.01
CA ILE A 194 32.97 -20.35 -27.87
C ILE A 194 33.14 -20.73 -26.39
N GLU A 195 32.68 -21.94 -26.03
CA GLU A 195 32.73 -22.45 -24.65
C GLU A 195 33.40 -23.81 -24.55
N THR A 196 34.18 -24.00 -23.48
CA THR A 196 34.87 -25.25 -23.17
C THR A 196 33.89 -26.31 -22.66
N ASN A 197 32.80 -25.85 -22.00
CA ASN A 197 31.76 -26.70 -21.44
C ASN A 197 30.67 -27.01 -22.50
N THR A 198 31.07 -27.78 -23.53
CA THR A 198 30.26 -28.24 -24.68
C THR A 198 29.36 -27.11 -25.24
N GLY A 199 29.99 -26.04 -25.70
CA GLY A 199 29.31 -24.88 -26.26
C GLY A 199 29.89 -24.41 -27.57
N ALA A 200 29.02 -24.22 -28.57
CA ALA A 200 29.40 -23.74 -29.91
C ALA A 200 28.41 -22.70 -30.41
N CYS A 201 28.92 -21.48 -30.69
CA CYS A 201 28.14 -20.34 -31.18
C CYS A 201 29.01 -19.49 -32.10
N LYS A 202 28.51 -19.23 -33.33
CA LYS A 202 29.24 -18.47 -34.35
C LYS A 202 28.43 -17.32 -34.92
N ARG A 203 29.10 -16.20 -35.24
CA ARG A 203 28.50 -15.02 -35.87
C ARG A 203 29.28 -14.78 -37.18
N VAL A 204 28.80 -15.39 -38.28
CA VAL A 204 29.40 -15.38 -39.61
C VAL A 204 29.52 -13.94 -40.20
N GLY A 205 30.75 -13.55 -40.51
CA GLY A 205 31.11 -12.26 -41.09
C GLY A 205 30.92 -11.02 -40.22
N ARG A 206 30.34 -11.20 -39.02
CA ARG A 206 30.04 -10.12 -38.08
C ARG A 206 31.29 -9.51 -37.46
N SER A 207 31.52 -8.20 -37.72
CA SER A 207 32.64 -7.39 -37.21
C SER A 207 32.43 -5.90 -37.51
N ASP A 208 32.36 -5.08 -36.45
CA ASP A 208 32.17 -3.63 -36.55
C ASP A 208 33.40 -2.92 -37.14
N ALA A 209 34.58 -3.57 -37.09
CA ALA A 209 35.85 -3.06 -37.61
C ALA A 209 35.83 -2.88 -39.12
N TYR A 210 35.17 -3.82 -39.85
CA TYR A 210 35.09 -3.76 -41.31
C TYR A 210 33.69 -3.34 -41.76
N ALA A 211 33.17 -2.26 -41.16
CA ALA A 211 31.85 -1.71 -41.45
C ALA A 211 31.98 -0.30 -42.02
N THR A 212 31.48 -0.11 -43.25
CA THR A 212 31.48 1.19 -43.95
C THR A 212 30.27 2.01 -43.55
N GLU A 213 30.40 3.35 -43.59
CA GLU A 213 29.30 4.26 -43.24
C GLU A 213 28.18 4.33 -44.28
N PHE A 214 28.40 3.74 -45.47
CA PHE A 214 27.46 3.71 -46.58
C PHE A 214 26.18 2.92 -46.27
N ASP A 215 26.32 1.70 -45.69
CA ASP A 215 25.18 0.86 -45.32
C ASP A 215 24.81 1.01 -43.85
N LEU A 216 23.52 1.29 -43.59
CA LEU A 216 23.00 1.46 -42.22
C LEU A 216 22.06 0.31 -41.86
N GLU A 217 21.12 -0.03 -42.77
CA GLU A 217 20.11 -1.10 -42.58
C GLU A 217 20.72 -2.52 -42.58
N ALA A 218 22.06 -2.63 -42.75
CA ALA A 218 22.81 -3.90 -42.79
C ALA A 218 22.60 -4.78 -41.53
N GLU A 219 23.08 -4.30 -40.35
CA GLU A 219 23.00 -4.98 -39.04
C GLU A 219 23.70 -6.37 -39.03
N GLU A 220 24.45 -6.68 -40.11
CA GLU A 220 25.19 -7.92 -40.31
C GLU A 220 26.49 -7.97 -39.51
N TYR A 221 26.90 -6.82 -38.92
CA TYR A 221 28.13 -6.69 -38.13
C TYR A 221 27.84 -6.61 -36.62
N VAL A 222 28.79 -7.10 -35.80
CA VAL A 222 28.71 -7.14 -34.33
C VAL A 222 29.90 -6.38 -33.71
N PRO A 223 29.70 -5.53 -32.66
CA PRO A 223 30.84 -4.82 -32.06
C PRO A 223 31.88 -5.72 -31.39
N ILE A 224 33.10 -5.20 -31.21
CA ILE A 224 34.23 -5.89 -30.59
C ILE A 224 33.92 -6.13 -29.08
N PRO A 225 33.94 -7.39 -28.60
CA PRO A 225 33.61 -7.65 -27.18
C PRO A 225 34.52 -6.97 -26.16
N LYS A 226 33.90 -6.32 -25.15
CA LYS A 226 34.59 -5.58 -24.09
C LYS A 226 35.40 -6.46 -23.14
N GLY A 227 36.39 -5.86 -22.47
CA GLY A 227 37.28 -6.53 -21.53
C GLY A 227 38.27 -7.46 -22.20
N GLU A 228 38.58 -8.58 -21.53
CA GLU A 228 39.51 -9.60 -22.02
C GLU A 228 38.78 -10.72 -22.77
N VAL A 229 39.53 -11.52 -23.55
CA VAL A 229 39.01 -12.67 -24.31
C VAL A 229 38.57 -13.76 -23.32
N HIS A 230 39.50 -14.19 -22.44
CA HIS A 230 39.26 -15.21 -21.42
C HIS A 230 38.54 -14.60 -20.22
N LYS A 231 37.30 -15.06 -19.98
CA LYS A 231 36.46 -14.61 -18.86
C LYS A 231 35.85 -15.80 -18.12
N LYS A 232 35.90 -15.76 -16.77
CA LYS A 232 35.35 -16.80 -15.91
C LYS A 232 33.99 -16.32 -15.36
N LYS A 233 32.90 -16.72 -16.01
CA LYS A 233 31.54 -16.33 -15.64
C LYS A 233 30.96 -17.20 -14.52
N GLU A 234 30.71 -16.58 -13.34
CA GLU A 234 30.13 -17.25 -12.17
C GLU A 234 28.65 -16.91 -12.00
N ILE A 235 27.76 -17.90 -12.21
CA ILE A 235 26.31 -17.68 -12.08
C ILE A 235 25.75 -18.54 -10.94
N VAL A 236 25.35 -17.87 -9.84
CA VAL A 236 24.73 -18.46 -8.65
C VAL A 236 23.42 -17.69 -8.47
N GLN A 237 22.32 -18.23 -9.00
CA GLN A 237 21.01 -17.60 -8.98
C GLN A 237 19.97 -18.42 -8.20
N ASP A 238 19.22 -17.74 -7.33
CA ASP A 238 18.16 -18.28 -6.50
C ASP A 238 16.89 -17.45 -6.72
N VAL A 239 16.09 -17.83 -7.71
CA VAL A 239 14.84 -17.15 -8.06
C VAL A 239 13.67 -18.13 -8.20
N THR A 240 12.45 -17.66 -7.87
CA THR A 240 11.21 -18.45 -7.97
C THR A 240 10.73 -18.46 -9.42
N LEU A 241 9.79 -19.35 -9.75
CA LEU A 241 9.23 -19.44 -11.11
C LEU A 241 8.49 -18.17 -11.51
N HIS A 242 7.87 -17.47 -10.52
CA HIS A 242 7.16 -16.21 -10.73
C HIS A 242 8.11 -15.07 -11.12
N ASP A 243 9.37 -15.12 -10.66
CA ASP A 243 10.39 -14.11 -10.98
C ASP A 243 10.74 -14.17 -12.45
N LEU A 244 10.76 -15.38 -13.04
CA LEU A 244 11.03 -15.63 -14.46
C LEU A 244 9.90 -15.09 -15.33
N ASP A 245 8.65 -15.18 -14.82
CA ASP A 245 7.45 -14.72 -15.52
C ASP A 245 7.33 -13.19 -15.49
N VAL A 246 7.58 -12.57 -14.32
CA VAL A 246 7.48 -11.13 -14.11
C VAL A 246 8.62 -10.35 -14.82
N ALA A 247 9.77 -11.00 -15.07
CA ALA A 247 10.92 -10.38 -15.75
C ALA A 247 10.83 -10.50 -17.28
N ASN A 248 10.20 -11.59 -17.77
CA ASN A 248 10.01 -11.83 -19.21
C ASN A 248 8.74 -11.16 -19.75
N ALA A 249 7.90 -10.61 -18.84
CA ALA A 249 6.66 -9.91 -19.18
C ALA A 249 6.92 -8.53 -19.78
N ARG A 250 8.00 -7.84 -19.35
CA ARG A 250 8.36 -6.52 -19.84
C ARG A 250 8.83 -6.52 -21.31
N PRO A 251 8.36 -5.57 -22.15
CA PRO A 251 8.79 -5.55 -23.56
C PRO A 251 10.15 -4.88 -23.75
N ILE A 257 13.67 -2.57 -15.34
CA ILE A 257 13.06 -3.59 -14.49
C ILE A 257 13.18 -3.21 -12.98
N ILE A 258 13.98 -2.16 -12.68
CA ILE A 258 14.18 -1.65 -11.32
C ILE A 258 12.89 -0.94 -10.83
N SER A 259 12.21 -0.20 -11.74
CA SER A 259 10.95 0.50 -11.47
C SER A 259 9.79 -0.44 -11.21
N MET A 260 9.84 -1.67 -11.79
CA MET A 260 8.85 -2.74 -11.67
C MET A 260 8.56 -3.18 -10.23
N MET A 261 9.52 -2.94 -9.30
CA MET A 261 9.39 -3.25 -7.87
C MET A 261 8.34 -2.34 -7.19
N GLY A 262 8.03 -1.22 -7.84
CA GLY A 262 7.04 -0.24 -7.40
C GLY A 262 5.99 0.08 -8.46
N GLN A 263 6.07 -0.61 -9.62
CA GLN A 263 5.15 -0.45 -10.75
C GLN A 263 4.13 -1.60 -10.80
N LEU A 264 2.84 -1.25 -10.68
CA LEU A 264 1.67 -2.14 -10.70
C LEU A 264 0.37 -1.40 -11.04
N MET A 265 0.44 -0.06 -11.22
CA MET A 265 -0.72 0.79 -11.52
C MET A 265 -1.31 0.53 -12.91
N LYS A 266 -2.19 -0.49 -12.97
CA LYS A 266 -2.95 -0.99 -14.11
C LYS A 266 -3.99 -1.98 -13.55
N PRO A 267 -5.32 -1.78 -13.76
CA PRO A 267 -6.29 -2.73 -13.16
C PRO A 267 -6.33 -4.11 -13.79
N LYS A 268 -6.28 -4.19 -15.14
CA LYS A 268 -6.34 -5.43 -15.92
C LYS A 268 -5.21 -6.44 -15.62
N MET A 269 -3.93 -5.96 -15.60
CA MET A 269 -2.71 -6.76 -15.37
C MET A 269 -2.57 -7.87 -16.44
N THR A 270 -2.72 -7.48 -17.72
CA THR A 270 -2.67 -8.36 -18.89
C THR A 270 -1.25 -8.70 -19.39
N GLU A 271 -0.20 -8.28 -18.64
CA GLU A 271 1.20 -8.55 -18.98
C GLU A 271 1.57 -10.04 -18.89
N ILE A 272 0.94 -10.78 -17.97
CA ILE A 272 1.18 -12.23 -17.79
C ILE A 272 0.10 -13.04 -18.51
N THR A 273 0.47 -13.66 -19.65
CA THR A 273 -0.40 -14.48 -20.49
C THR A 273 0.09 -15.92 -20.52
N ASP A 274 -0.84 -16.90 -20.66
CA ASP A 274 -0.57 -18.35 -20.69
C ASP A 274 0.53 -18.75 -21.68
N LYS A 275 0.61 -18.06 -22.84
CA LYS A 275 1.61 -18.30 -23.88
C LYS A 275 3.01 -17.85 -23.44
N LEU A 276 3.10 -16.83 -22.56
CA LEU A 276 4.37 -16.31 -22.03
C LEU A 276 4.97 -17.31 -21.04
N ARG A 277 4.10 -17.98 -20.25
CA ARG A 277 4.48 -18.99 -19.26
C ARG A 277 5.02 -20.26 -19.92
N MET A 278 4.48 -20.63 -21.10
CA MET A 278 4.90 -21.80 -21.89
C MET A 278 6.34 -21.62 -22.38
N GLU A 279 6.74 -20.36 -22.67
CA GLU A 279 8.09 -19.99 -23.10
C GLU A 279 9.08 -20.11 -21.94
N ILE A 280 8.60 -19.95 -20.69
CA ILE A 280 9.39 -20.08 -19.47
C ILE A 280 9.53 -21.57 -19.11
N ASN A 281 8.42 -22.34 -19.22
CA ASN A 281 8.38 -23.79 -18.95
C ASN A 281 9.33 -24.59 -19.84
N LYS A 282 9.48 -24.21 -21.11
CA LYS A 282 10.37 -24.89 -22.06
C LYS A 282 11.86 -24.60 -21.80
N VAL A 283 12.21 -23.33 -21.47
CA VAL A 283 13.61 -22.95 -21.20
C VAL A 283 14.08 -23.52 -19.85
N VAL A 284 13.17 -23.59 -18.84
CA VAL A 284 13.45 -24.15 -17.51
C VAL A 284 13.75 -25.66 -17.68
N GLN A 285 12.95 -26.36 -18.51
CA GLN A 285 13.10 -27.79 -18.83
C GLN A 285 14.47 -28.03 -19.49
N LYS A 286 14.89 -27.12 -20.40
CA LYS A 286 16.17 -27.20 -21.12
C LYS A 286 17.36 -27.09 -20.17
N TYR A 287 17.25 -26.25 -19.10
CA TYR A 287 18.31 -26.09 -18.10
C TYR A 287 18.42 -27.30 -17.18
N ILE A 288 17.30 -28.04 -16.98
CA ILE A 288 17.26 -29.27 -16.17
C ILE A 288 17.91 -30.42 -16.95
N ASN A 289 17.56 -30.55 -18.26
CA ASN A 289 18.09 -31.57 -19.18
C ASN A 289 19.61 -31.48 -19.35
N GLN A 290 20.15 -30.25 -19.32
CA GLN A 290 21.59 -29.98 -19.43
C GLN A 290 22.30 -30.31 -18.11
N GLY A 291 21.57 -30.22 -17.00
CA GLY A 291 22.08 -30.48 -15.66
C GLY A 291 22.71 -29.27 -15.02
N VAL A 292 22.50 -28.08 -15.63
CA VAL A 292 23.01 -26.78 -15.21
C VAL A 292 22.35 -26.34 -13.89
N ALA A 293 21.00 -26.33 -13.87
CA ALA A 293 20.22 -25.93 -12.71
C ALA A 293 19.00 -26.83 -12.51
N GLU A 294 18.79 -27.29 -11.27
CA GLU A 294 17.64 -28.10 -10.90
C GLU A 294 16.62 -27.22 -10.17
N LEU A 295 15.32 -27.53 -10.32
CA LEU A 295 14.28 -26.74 -9.66
C LEU A 295 13.94 -27.35 -8.29
N ILE A 296 13.86 -26.49 -7.26
CA ILE A 296 13.60 -26.92 -5.89
C ILE A 296 12.24 -26.41 -5.36
N PRO A 297 11.30 -27.33 -5.03
CA PRO A 297 10.00 -26.90 -4.50
C PRO A 297 10.11 -26.48 -3.03
N GLY A 298 9.45 -25.38 -2.68
CA GLY A 298 9.47 -24.82 -1.34
C GLY A 298 8.23 -25.09 -0.52
N VAL A 299 7.66 -24.02 0.04
CA VAL A 299 6.49 -24.08 0.90
C VAL A 299 5.46 -22.98 0.55
N LEU A 300 4.19 -23.39 0.46
CA LEU A 300 3.06 -22.51 0.21
C LEU A 300 2.22 -22.47 1.49
N PHE A 301 2.18 -21.31 2.14
CA PHE A 301 1.42 -21.15 3.37
C PHE A 301 0.10 -20.43 3.11
N ILE A 302 -1.02 -21.04 3.53
CA ILE A 302 -2.36 -20.44 3.35
C ILE A 302 -3.06 -20.22 4.67
N ASP A 303 -3.09 -18.96 5.14
CA ASP A 303 -3.80 -18.56 6.35
C ASP A 303 -5.27 -18.39 5.93
N GLU A 304 -6.22 -18.38 6.90
CA GLU A 304 -7.67 -18.29 6.62
C GLU A 304 -8.05 -19.36 5.57
N ALA A 305 -7.66 -20.61 5.84
CA ALA A 305 -7.88 -21.78 4.98
C ALA A 305 -9.36 -22.05 4.72
N HIS A 306 -10.24 -21.66 5.67
CA HIS A 306 -11.70 -21.80 5.59
C HIS A 306 -12.30 -20.89 4.52
N MET A 307 -11.63 -19.76 4.22
CA MET A 307 -12.05 -18.77 3.23
C MET A 307 -11.95 -19.29 1.80
N LEU A 308 -11.15 -20.36 1.57
CA LEU A 308 -10.95 -20.98 0.27
C LEU A 308 -12.21 -21.67 -0.26
N ASP A 309 -12.52 -21.43 -1.53
CA ASP A 309 -13.67 -21.99 -2.27
C ASP A 309 -13.46 -23.49 -2.51
N ILE A 310 -14.55 -24.22 -2.80
CA ILE A 310 -14.50 -25.66 -3.09
C ILE A 310 -13.72 -25.91 -4.39
N GLU A 311 -13.80 -24.96 -5.35
CA GLU A 311 -13.08 -24.99 -6.63
C GLU A 311 -11.57 -24.81 -6.41
N CYS A 312 -11.18 -24.10 -5.33
CA CYS A 312 -9.78 -23.87 -4.96
C CYS A 312 -9.18 -25.14 -4.37
N PHE A 313 -9.95 -25.86 -3.51
CA PHE A 313 -9.50 -27.09 -2.89
C PHE A 313 -9.29 -28.22 -3.90
N THR A 314 -10.09 -28.23 -5.00
CA THR A 314 -9.98 -29.22 -6.07
C THR A 314 -8.77 -28.94 -6.95
N TYR A 315 -8.32 -27.66 -6.97
CA TYR A 315 -7.12 -27.23 -7.67
C TYR A 315 -5.93 -27.73 -6.85
N LEU A 316 -6.03 -27.60 -5.50
CA LEU A 316 -5.02 -28.04 -4.54
C LEU A 316 -4.88 -29.56 -4.55
N ASN A 317 -6.00 -30.31 -4.69
CA ASN A 317 -6.01 -31.77 -4.78
C ASN A 317 -5.20 -32.22 -5.99
N LYS A 318 -5.37 -31.53 -7.14
CA LYS A 318 -4.64 -31.78 -8.39
C LYS A 318 -3.19 -31.34 -8.26
N ALA A 319 -2.94 -30.26 -7.49
CA ALA A 319 -1.60 -29.70 -7.24
C ALA A 319 -0.74 -30.63 -6.38
N LEU A 320 -1.31 -31.17 -5.28
CA LEU A 320 -0.63 -32.08 -4.36
C LEU A 320 -0.18 -33.41 -4.99
N GLU A 321 -0.89 -33.86 -6.05
CA GLU A 321 -0.58 -35.07 -6.79
C GLU A 321 0.67 -34.94 -7.67
N SER A 322 1.03 -33.69 -8.07
CA SER A 322 2.20 -33.40 -8.89
C SER A 322 3.51 -33.54 -8.08
N PRO A 323 4.59 -34.12 -8.65
CA PRO A 323 5.85 -34.25 -7.88
C PRO A 323 6.63 -32.95 -7.73
N ILE A 324 6.42 -32.01 -8.68
CA ILE A 324 7.09 -30.71 -8.74
C ILE A 324 6.53 -29.74 -7.66
N ALA A 325 5.30 -30.00 -7.18
CA ALA A 325 4.56 -29.21 -6.20
C ALA A 325 5.31 -28.88 -4.89
N PRO A 326 5.11 -27.66 -4.34
CA PRO A 326 5.75 -27.32 -3.05
C PRO A 326 4.94 -27.89 -1.88
N ILE A 327 5.37 -27.61 -0.64
CA ILE A 327 4.68 -28.12 0.55
C ILE A 327 3.52 -27.19 0.91
N VAL A 328 2.28 -27.69 0.75
CA VAL A 328 1.10 -26.88 1.02
C VAL A 328 0.74 -26.93 2.51
N VAL A 329 1.10 -25.87 3.23
CA VAL A 329 0.84 -25.70 4.66
C VAL A 329 -0.33 -24.73 4.84
N LEU A 330 -1.41 -25.20 5.43
CA LEU A 330 -2.62 -24.41 5.67
C LEU A 330 -2.77 -24.06 7.16
N ALA A 331 -3.60 -23.06 7.47
CA ALA A 331 -3.86 -22.63 8.84
C ALA A 331 -5.29 -22.14 8.98
N SER A 332 -6.00 -22.66 9.99
CA SER A 332 -7.38 -22.27 10.26
C SER A 332 -7.62 -22.01 11.74
N ASN A 333 -8.14 -20.82 12.04
CA ASN A 333 -8.46 -20.34 13.39
C ASN A 333 -9.89 -20.74 13.78
N ARG A 334 -10.64 -21.37 12.85
CA ARG A 334 -12.02 -21.80 13.05
C ARG A 334 -12.12 -23.28 13.37
N GLY A 335 -13.08 -23.62 14.23
CA GLY A 335 -13.35 -24.98 14.65
C GLY A 335 -14.24 -25.67 13.65
N ILE A 336 -15.54 -25.34 13.66
CA ILE A 336 -16.53 -25.86 12.73
C ILE A 336 -16.94 -24.71 11.80
N ALA A 337 -16.74 -24.88 10.49
CA ALA A 337 -17.05 -23.87 9.49
C ALA A 337 -17.67 -24.44 8.23
N THR A 338 -18.64 -23.70 7.66
CA THR A 338 -19.33 -24.08 6.42
C THR A 338 -18.37 -24.11 5.26
N ILE A 339 -18.51 -25.09 4.37
CA ILE A 339 -17.64 -25.23 3.20
C ILE A 339 -18.04 -24.17 2.16
N ARG A 340 -17.07 -23.29 1.82
CA ARG A 340 -17.26 -22.23 0.82
C ARG A 340 -17.30 -22.90 -0.56
N GLY A 341 -18.34 -22.60 -1.34
CA GLY A 341 -18.55 -23.17 -2.65
C GLY A 341 -19.45 -24.39 -2.67
N ALA A 342 -20.02 -24.74 -1.49
CA ALA A 342 -20.95 -25.85 -1.29
C ALA A 342 -22.22 -25.37 -0.58
N ASP A 343 -23.36 -26.06 -0.82
CA ASP A 343 -24.67 -25.73 -0.25
C ASP A 343 -24.76 -25.97 1.27
N ASP A 344 -24.08 -25.07 2.04
CA ASP A 344 -23.98 -25.04 3.50
C ASP A 344 -23.75 -26.42 4.14
N LEU A 345 -22.48 -26.82 4.19
CA LEU A 345 -22.03 -28.10 4.72
C LEU A 345 -20.95 -27.79 5.76
N LYS A 346 -21.25 -28.02 7.05
CA LYS A 346 -20.29 -27.76 8.11
C LYS A 346 -19.24 -28.85 8.20
N ALA A 347 -17.96 -28.44 8.20
CA ALA A 347 -16.81 -29.33 8.28
C ALA A 347 -15.76 -28.80 9.26
N ALA A 348 -14.78 -29.64 9.65
CA ALA A 348 -13.71 -29.27 10.57
C ALA A 348 -12.74 -28.32 9.89
N HIS A 349 -12.55 -27.13 10.51
CA HIS A 349 -11.68 -26.03 10.08
C HIS A 349 -12.08 -25.41 8.73
N GLY A 350 -13.21 -25.85 8.19
CA GLY A 350 -13.74 -25.38 6.90
C GLY A 350 -13.11 -26.10 5.72
N ILE A 351 -12.32 -27.15 5.98
CA ILE A 351 -11.64 -27.95 4.96
C ILE A 351 -12.59 -29.07 4.55
N PRO A 352 -12.82 -29.31 3.23
CA PRO A 352 -13.70 -30.42 2.83
C PRO A 352 -13.09 -31.79 3.16
N PRO A 353 -13.89 -32.86 3.39
CA PRO A 353 -13.31 -34.17 3.74
C PRO A 353 -12.21 -34.66 2.80
N ASP A 354 -12.44 -34.52 1.47
CA ASP A 354 -11.54 -34.90 0.38
C ASP A 354 -10.11 -34.36 0.58
N PHE A 355 -10.01 -33.13 1.09
CA PHE A 355 -8.74 -32.46 1.36
C PHE A 355 -8.31 -32.51 2.83
N LEU A 356 -9.25 -32.82 3.75
CA LEU A 356 -8.93 -32.91 5.18
C LEU A 356 -8.07 -34.13 5.48
N GLN A 357 -8.38 -35.27 4.83
CA GLN A 357 -7.66 -36.55 4.97
C GLN A 357 -6.28 -36.45 4.34
N ARG A 358 -6.15 -35.61 3.29
CA ARG A 358 -4.95 -35.35 2.50
C ARG A 358 -3.78 -34.74 3.31
N LEU A 359 -4.08 -34.09 4.45
CA LEU A 359 -3.07 -33.45 5.30
C LEU A 359 -3.09 -33.91 6.76
N LEU A 360 -1.99 -33.67 7.49
CA LEU A 360 -1.87 -33.98 8.92
C LEU A 360 -1.97 -32.69 9.73
N ILE A 361 -2.78 -32.72 10.80
CA ILE A 361 -3.05 -31.55 11.66
C ILE A 361 -2.07 -31.42 12.82
N ILE A 362 -1.54 -30.20 13.01
CA ILE A 362 -0.60 -29.81 14.05
C ILE A 362 -1.28 -28.73 14.94
N PRO A 363 -1.58 -29.04 16.24
CA PRO A 363 -2.26 -28.05 17.09
C PRO A 363 -1.32 -27.06 17.76
N THR A 364 -1.68 -25.76 17.69
CA THR A 364 -0.91 -24.65 18.26
C THR A 364 -1.59 -24.09 19.53
N HIS A 365 -0.91 -24.30 20.68
CA HIS A 365 -1.35 -23.93 22.03
C HIS A 365 -1.19 -22.43 22.35
N PRO A 366 -2.16 -21.80 23.06
CA PRO A 366 -2.00 -20.38 23.42
C PRO A 366 -1.01 -20.19 24.55
N TYR A 367 -0.26 -19.09 24.52
CA TYR A 367 0.80 -18.77 25.48
C TYR A 367 0.27 -18.10 26.75
N GLU A 368 0.71 -18.61 27.91
CA GLU A 368 0.36 -18.11 29.25
C GLU A 368 1.10 -16.78 29.52
N PRO A 369 0.64 -15.90 30.47
CA PRO A 369 1.33 -14.61 30.69
C PRO A 369 2.85 -14.67 30.86
N ASP A 370 3.36 -15.73 31.51
CA ASP A 370 4.80 -15.95 31.73
C ASP A 370 5.58 -16.16 30.44
N GLU A 371 4.92 -16.79 29.44
CA GLU A 371 5.50 -17.05 28.11
C GLU A 371 5.50 -15.81 27.23
N ILE A 372 4.47 -14.94 27.37
CA ILE A 372 4.26 -13.71 26.59
C ILE A 372 5.40 -12.69 26.81
N ARG A 373 5.80 -12.41 28.08
CA ARG A 373 6.87 -11.45 28.35
C ARG A 373 8.24 -11.92 27.84
N ARG A 374 8.45 -13.25 27.70
CA ARG A 374 9.68 -13.84 27.16
C ARG A 374 9.79 -13.50 25.67
N ILE A 375 8.63 -13.46 24.95
CA ILE A 375 8.52 -13.14 23.52
C ILE A 375 8.81 -11.64 23.32
N VAL A 376 8.19 -10.76 24.14
CA VAL A 376 8.35 -9.29 24.10
C VAL A 376 9.83 -8.89 24.11
N ARG A 377 10.63 -9.47 25.03
CA ARG A 377 12.06 -9.21 25.16
C ARG A 377 12.87 -9.59 23.90
N ILE A 378 12.41 -10.61 23.15
CA ILE A 378 13.04 -11.06 21.91
C ILE A 378 12.74 -10.08 20.77
N ARG A 379 11.47 -9.64 20.65
CA ARG A 379 11.03 -8.71 19.61
C ARG A 379 11.63 -7.31 19.79
N ALA A 380 11.68 -6.82 21.05
CA ALA A 380 12.25 -5.51 21.39
C ALA A 380 13.74 -5.43 21.07
N GLN A 381 14.48 -6.53 21.31
CA GLN A 381 15.91 -6.68 21.05
C GLN A 381 16.21 -6.65 19.55
N THR A 382 15.31 -7.22 18.73
CA THR A 382 15.45 -7.27 17.27
C THR A 382 15.06 -5.93 16.64
N GLU A 383 13.94 -5.33 17.09
CA GLU A 383 13.42 -4.05 16.61
C GLU A 383 14.30 -2.86 17.03
N GLY A 384 15.05 -3.03 18.12
CA GLY A 384 15.94 -2.01 18.66
C GLY A 384 15.21 -1.05 19.59
N VAL A 385 14.46 -1.60 20.56
CA VAL A 385 13.68 -0.83 21.54
C VAL A 385 14.11 -1.21 22.96
N GLN A 386 14.80 -0.28 23.66
CA GLN A 386 15.24 -0.46 25.04
C GLN A 386 14.07 -0.20 25.97
N LEU A 387 13.80 -1.12 26.92
CA LEU A 387 12.67 -1.01 27.85
C LEU A 387 12.94 -1.56 29.24
N THR A 388 12.30 -0.96 30.26
CA THR A 388 12.40 -1.37 31.66
C THR A 388 11.64 -2.69 31.88
N ASP A 389 12.04 -3.47 32.89
CA ASP A 389 11.45 -4.75 33.27
C ASP A 389 9.95 -4.66 33.59
N ALA A 390 9.55 -3.53 34.23
CA ALA A 390 8.15 -3.25 34.63
C ALA A 390 7.24 -2.98 33.43
N ALA A 391 7.79 -2.43 32.33
CA ALA A 391 7.06 -2.13 31.10
C ALA A 391 6.70 -3.42 30.33
N VAL A 392 7.59 -4.44 30.41
CA VAL A 392 7.42 -5.77 29.79
C VAL A 392 6.23 -6.49 30.45
N ASP A 393 6.08 -6.33 31.79
CA ASP A 393 5.00 -6.91 32.59
C ASP A 393 3.64 -6.31 32.21
N ARG A 394 3.60 -4.96 32.05
CA ARG A 394 2.41 -4.20 31.68
C ARG A 394 1.95 -4.51 30.26
N VAL A 395 2.91 -4.70 29.32
CA VAL A 395 2.59 -5.03 27.93
C VAL A 395 2.18 -6.52 27.80
N ALA A 396 2.69 -7.41 28.68
CA ALA A 396 2.34 -8.82 28.70
C ALA A 396 0.91 -9.03 29.18
N GLU A 397 0.41 -8.10 30.02
CA GLU A 397 -0.96 -8.07 30.55
C GLU A 397 -1.96 -7.80 29.42
N HIS A 398 -1.50 -7.11 28.37
CA HIS A 398 -2.27 -6.80 27.16
C HIS A 398 -2.19 -7.96 26.17
N GLY A 399 -1.16 -8.80 26.32
CA GLY A 399 -0.95 -9.98 25.49
C GLY A 399 -1.84 -11.14 25.91
N VAL A 400 -2.38 -11.08 27.15
CA VAL A 400 -3.29 -12.09 27.72
C VAL A 400 -4.75 -11.58 27.70
N ARG A 401 -5.00 -10.29 28.00
CA ARG A 401 -6.35 -9.69 27.98
C ARG A 401 -6.81 -9.55 26.52
N ILE A 402 -5.90 -9.09 25.64
CA ILE A 402 -6.14 -8.95 24.19
C ILE A 402 -5.12 -9.89 23.46
N SER A 403 -5.10 -9.89 22.11
CA SER A 403 -4.21 -10.74 21.31
C SER A 403 -2.71 -10.40 21.44
N LEU A 404 -1.85 -11.38 21.08
CA LEU A 404 -0.39 -11.30 21.10
C LEU A 404 0.14 -10.27 20.07
N ARG A 405 -0.58 -10.09 18.95
CA ARG A 405 -0.21 -9.15 17.90
C ARG A 405 -0.34 -7.70 18.36
N TYR A 406 -1.42 -7.38 19.11
CA TYR A 406 -1.69 -6.04 19.61
C TYR A 406 -0.62 -5.53 20.57
N CYS A 407 -0.22 -6.36 21.55
CA CYS A 407 0.81 -6.00 22.53
C CYS A 407 2.18 -5.80 21.88
N LEU A 408 2.50 -6.66 20.90
CA LEU A 408 3.74 -6.62 20.13
C LEU A 408 3.82 -5.34 19.28
N GLN A 409 2.65 -4.81 18.86
CA GLN A 409 2.52 -3.58 18.07
C GLN A 409 2.81 -2.33 18.92
N LEU A 410 2.63 -2.42 20.25
CA LEU A 410 2.84 -1.31 21.20
C LEU A 410 4.31 -0.91 21.39
N LEU A 411 5.27 -1.76 20.95
CA LEU A 411 6.72 -1.53 21.06
C LEU A 411 7.22 -0.31 20.29
N ALA A 412 6.80 -0.16 19.01
CA ALA A 412 7.20 0.94 18.14
C ALA A 412 6.66 2.33 18.58
N PRO A 413 5.33 2.53 18.89
CA PRO A 413 4.89 3.87 19.30
C PRO A 413 5.44 4.35 20.64
N ALA A 414 5.63 3.41 21.60
CA ALA A 414 6.16 3.69 22.93
C ALA A 414 7.63 4.11 22.89
N SER A 415 8.40 3.63 21.90
CA SER A 415 9.81 3.99 21.70
C SER A 415 9.92 5.45 21.24
N ILE A 416 8.95 5.90 20.42
CA ILE A 416 8.85 7.28 19.91
C ILE A 416 8.47 8.20 21.08
N LEU A 417 7.49 7.77 21.90
CA LEU A 417 7.01 8.50 23.09
C LEU A 417 8.13 8.67 24.12
N ALA A 418 9.06 7.70 24.19
CA ALA A 418 10.22 7.73 25.08
C ALA A 418 11.31 8.67 24.54
N ARG A 419 11.60 8.59 23.21
CA ARG A 419 12.58 9.43 22.51
C ARG A 419 12.20 10.91 22.61
N VAL A 420 10.89 11.20 22.54
CA VAL A 420 10.29 12.54 22.67
C VAL A 420 10.54 13.07 24.09
N ASN A 421 10.38 12.21 25.10
CA ASN A 421 10.61 12.53 26.51
C ASN A 421 12.12 12.58 26.86
N GLY A 422 12.97 12.30 25.87
CA GLY A 422 14.42 12.31 26.00
C GLY A 422 15.04 11.00 26.44
N ARG A 423 14.20 10.01 26.78
CA ARG A 423 14.62 8.69 27.25
C ARG A 423 14.89 7.70 26.12
N THR A 424 15.68 6.64 26.42
CA THR A 424 16.00 5.53 25.53
C THR A 424 15.28 4.29 26.04
N GLN A 425 15.17 4.18 27.38
CA GLN A 425 14.49 3.09 28.09
C GLN A 425 12.99 3.42 28.18
N VAL A 426 12.14 2.48 27.72
CA VAL A 426 10.68 2.64 27.73
C VAL A 426 10.12 2.16 29.07
N ASP A 427 9.37 3.04 29.77
CA ASP A 427 8.76 2.75 31.06
C ASP A 427 7.24 2.55 30.96
N VAL A 428 6.59 2.25 32.11
CA VAL A 428 5.15 2.00 32.25
C VAL A 428 4.32 3.22 31.80
N GLN A 429 4.74 4.45 32.18
CA GLN A 429 4.08 5.71 31.82
C GLN A 429 4.02 5.93 30.30
N ASP A 430 5.11 5.55 29.59
CA ASP A 430 5.20 5.65 28.12
C ASP A 430 4.30 4.62 27.43
N ILE A 431 4.26 3.38 27.95
CA ILE A 431 3.46 2.29 27.42
C ILE A 431 1.97 2.50 27.75
N ALA A 432 1.65 3.24 28.83
CA ALA A 432 0.28 3.56 29.27
C ALA A 432 -0.40 4.49 28.27
N GLU A 433 0.38 5.41 27.67
CA GLU A 433 -0.10 6.35 26.65
C GLU A 433 -0.33 5.63 25.33
N ALA A 434 0.51 4.62 25.01
CA ALA A 434 0.42 3.82 23.78
C ALA A 434 -0.93 3.10 23.66
N GLU A 435 -1.47 2.60 24.80
CA GLU A 435 -2.77 1.93 24.88
C GLU A 435 -3.89 2.96 24.72
N GLU A 436 -3.66 4.20 25.24
CA GLU A 436 -4.59 5.34 25.20
C GLU A 436 -4.71 5.88 23.77
N LEU A 437 -3.58 5.95 23.04
CA LEU A 437 -3.52 6.44 21.67
C LEU A 437 -3.93 5.37 20.66
N PHE A 438 -3.30 4.18 20.73
CA PHE A 438 -3.54 3.07 19.81
C PHE A 438 -4.26 1.91 20.48
N LEU A 439 -5.58 1.88 20.31
CA LEU A 439 -6.49 0.88 20.85
C LEU A 439 -6.76 -0.25 19.87
N ASP A 440 -7.00 -1.45 20.39
CA ASP A 440 -7.29 -2.65 19.61
C ASP A 440 -8.69 -2.60 19.00
N ALA A 441 -8.92 -3.40 17.94
CA ALA A 441 -10.19 -3.49 17.20
C ALA A 441 -11.41 -3.80 18.08
N ARG A 442 -11.22 -4.58 19.16
CA ARG A 442 -12.28 -4.97 20.09
C ARG A 442 -12.70 -3.77 20.96
N ARG A 443 -11.73 -3.10 21.61
CA ARG A 443 -11.96 -1.95 22.49
C ARG A 443 -12.45 -0.71 21.75
N SER A 444 -11.96 -0.48 20.51
CA SER A 444 -12.36 0.66 19.67
C SER A 444 -13.83 0.63 19.29
N ALA A 445 -14.38 -0.59 19.12
CA ALA A 445 -15.78 -0.83 18.76
C ALA A 445 -16.74 -0.55 19.93
N ASN A 446 -16.42 -1.08 21.13
CA ASN A 446 -17.23 -0.94 22.35
C ASN A 446 -17.29 0.48 22.90
N ILE A 447 -16.23 1.30 22.66
CA ILE A 447 -16.12 2.69 23.10
C ILE A 447 -17.20 3.57 22.45
N LEU A 448 -17.49 3.33 21.15
CA LEU A 448 -18.49 4.07 20.36
C LEU A 448 -19.92 3.89 20.85
N THR A 449 -20.22 2.73 21.49
CA THR A 449 -21.52 2.32 22.05
C THR A 449 -22.63 2.36 21.00
N HIS B 51 -8.38 26.62 4.32
CA HIS B 51 -8.89 26.74 5.68
C HIS B 51 -8.00 25.98 6.68
N ILE B 52 -7.73 24.69 6.41
CA ILE B 52 -6.88 23.84 7.26
C ILE B 52 -5.41 24.16 6.97
N ARG B 53 -4.68 24.62 7.99
CA ARG B 53 -3.28 25.01 7.90
C ARG B 53 -2.31 23.82 8.04
N GLY B 54 -2.63 22.89 8.95
CA GLY B 54 -1.83 21.71 9.21
C GLY B 54 -2.39 20.77 10.26
N LEU B 55 -1.49 20.10 11.01
CA LEU B 55 -1.85 19.15 12.08
C LEU B 55 -2.13 19.82 13.43
N GLY B 56 -1.41 20.91 13.73
CA GLY B 56 -1.55 21.66 14.97
C GLY B 56 -0.96 20.94 16.17
N VAL B 57 0.30 20.54 16.06
CA VAL B 57 1.02 19.81 17.11
C VAL B 57 2.40 20.43 17.40
N ASP B 58 2.96 20.16 18.59
CA ASP B 58 4.27 20.64 18.98
C ASP B 58 5.35 19.82 18.26
N ALA B 59 6.45 20.46 17.87
CA ALA B 59 7.54 19.82 17.14
C ALA B 59 8.33 18.83 17.99
N ASP B 60 8.71 19.22 19.22
CA ASP B 60 9.51 18.41 20.14
C ASP B 60 8.69 17.43 21.00
N THR B 61 7.81 17.97 21.85
CA THR B 61 6.98 17.19 22.80
C THR B 61 5.84 16.42 22.14
N LEU B 62 5.43 16.80 20.90
CA LEU B 62 4.33 16.22 20.13
C LEU B 62 2.98 16.30 20.87
N GLU B 63 2.86 17.24 21.83
CA GLU B 63 1.65 17.49 22.60
C GLU B 63 0.81 18.50 21.83
N PRO B 64 -0.40 18.11 21.35
CA PRO B 64 -1.21 19.03 20.55
C PRO B 64 -1.88 20.15 21.34
N ARG B 65 -1.96 21.34 20.72
CA ARG B 65 -2.60 22.53 21.26
C ARG B 65 -4.14 22.37 21.12
N PRO B 66 -4.97 22.96 22.02
CA PRO B 66 -6.43 22.77 21.89
C PRO B 66 -7.02 23.22 20.56
N SER B 67 -6.56 24.36 20.02
CA SER B 67 -7.00 24.92 18.74
C SER B 67 -5.85 25.63 18.02
N SER B 68 -5.22 24.92 17.06
CA SER B 68 -4.09 25.43 16.28
C SER B 68 -3.99 24.78 14.89
N GLN B 69 -3.44 25.54 13.91
CA GLN B 69 -3.22 25.16 12.51
C GLN B 69 -4.52 24.67 11.82
N GLY B 70 -5.56 25.48 11.90
CA GLY B 70 -6.86 25.21 11.32
C GLY B 70 -7.60 24.00 11.88
N LEU B 71 -7.13 23.45 13.02
CA LEU B 71 -7.72 22.28 13.67
C LEU B 71 -8.18 22.60 15.09
N VAL B 72 -9.38 22.12 15.45
CA VAL B 72 -10.01 22.31 16.75
C VAL B 72 -10.23 20.98 17.47
N GLY B 73 -9.78 20.93 18.72
CA GLY B 73 -9.93 19.77 19.60
C GLY B 73 -9.29 18.47 19.12
N GLN B 74 -9.82 17.34 19.63
CA GLN B 74 -9.37 15.97 19.34
C GLN B 74 -7.86 15.79 19.54
N GLU B 75 -7.39 16.11 20.76
CA GLU B 75 -5.99 16.02 21.15
C GLU B 75 -5.49 14.58 21.13
N LYS B 76 -6.27 13.63 21.71
CA LYS B 76 -5.96 12.21 21.78
C LYS B 76 -5.68 11.61 20.38
N ALA B 77 -6.55 11.94 19.40
CA ALA B 77 -6.42 11.48 18.02
C ALA B 77 -5.27 12.15 17.29
N ARG B 78 -5.11 13.49 17.45
CA ARG B 78 -4.05 14.27 16.80
C ARG B 78 -2.65 13.92 17.32
N LYS B 79 -2.53 13.54 18.61
CA LYS B 79 -1.26 13.11 19.21
C LYS B 79 -0.90 11.74 18.65
N ALA B 80 -1.91 10.85 18.49
CA ALA B 80 -1.77 9.51 17.92
C ALA B 80 -1.42 9.62 16.44
N ALA B 81 -1.96 10.65 15.74
CA ALA B 81 -1.69 10.92 14.33
C ALA B 81 -0.21 11.30 14.15
N ALA B 82 0.32 12.14 15.07
CA ALA B 82 1.71 12.59 15.09
C ALA B 82 2.72 11.46 15.30
N VAL B 83 2.32 10.44 16.09
CA VAL B 83 3.16 9.26 16.37
C VAL B 83 3.27 8.40 15.09
N VAL B 84 2.13 8.18 14.40
CA VAL B 84 2.04 7.42 13.14
C VAL B 84 3.00 7.99 12.09
N LEU B 85 2.98 9.32 11.90
CA LEU B 85 3.85 10.03 10.95
C LEU B 85 5.31 9.77 11.25
N GLU B 86 5.68 9.77 12.55
CA GLU B 86 7.04 9.50 13.03
C GLU B 86 7.42 8.04 12.88
N MET B 87 6.42 7.13 12.95
CA MET B 87 6.59 5.68 12.81
C MET B 87 7.00 5.31 11.37
N ILE B 88 6.42 6.02 10.37
CA ILE B 88 6.71 5.83 8.95
C ILE B 88 8.10 6.38 8.62
N LYS B 89 8.39 7.62 9.10
CA LYS B 89 9.67 8.35 8.90
C LYS B 89 10.88 7.55 9.37
N GLN B 90 10.75 6.86 10.52
CA GLN B 90 11.82 6.02 11.09
C GLN B 90 11.89 4.64 10.42
N GLY B 91 10.85 4.29 9.66
CA GLY B 91 10.74 3.01 8.97
C GLY B 91 10.21 1.90 9.84
N LYS B 92 9.75 2.25 11.06
CA LYS B 92 9.18 1.33 12.06
C LYS B 92 7.91 0.67 11.53
N ILE B 93 7.02 1.49 10.93
CA ILE B 93 5.80 1.01 10.29
C ILE B 93 6.04 0.99 8.78
N ALA B 94 5.95 -0.21 8.17
CA ALA B 94 6.19 -0.41 6.75
C ALA B 94 5.01 -1.13 6.12
N GLY B 95 4.33 -0.42 5.21
CA GLY B 95 3.14 -0.91 4.52
C GLY B 95 2.01 -1.21 5.48
N ARG B 96 1.65 -0.21 6.31
CA ARG B 96 0.59 -0.35 7.30
C ARG B 96 -0.43 0.75 7.15
N ALA B 97 -1.71 0.37 7.12
CA ALA B 97 -2.82 1.32 6.98
C ALA B 97 -3.19 1.92 8.32
N VAL B 98 -3.80 3.11 8.28
CA VAL B 98 -4.26 3.86 9.46
C VAL B 98 -5.79 3.72 9.50
N LEU B 99 -6.39 3.80 10.69
CA LEU B 99 -7.85 3.69 10.84
C LEU B 99 -8.39 4.70 11.83
N ILE B 100 -9.02 5.76 11.33
CA ILE B 100 -9.65 6.79 12.14
C ILE B 100 -11.09 6.38 12.44
N ALA B 101 -11.29 5.72 13.60
CA ALA B 101 -12.60 5.29 14.06
C ALA B 101 -13.16 6.36 14.99
N GLY B 102 -14.48 6.43 15.10
CA GLY B 102 -15.10 7.42 15.97
C GLY B 102 -16.52 7.83 15.61
N PRO B 103 -17.12 8.76 16.40
CA PRO B 103 -18.49 9.21 16.10
C PRO B 103 -18.56 10.06 14.83
N PRO B 104 -19.72 10.14 14.12
CA PRO B 104 -19.78 10.96 12.90
C PRO B 104 -19.50 12.44 13.12
N SER B 105 -18.92 13.10 12.09
CA SER B 105 -18.54 14.52 12.05
C SER B 105 -17.59 14.94 13.20
N THR B 106 -16.51 14.16 13.39
CA THR B 106 -15.49 14.43 14.40
C THR B 106 -14.14 14.81 13.74
N GLY B 107 -14.24 15.60 12.67
CA GLY B 107 -13.11 16.09 11.87
C GLY B 107 -12.16 15.03 11.39
N LYS B 108 -12.70 13.86 10.99
CA LYS B 108 -11.94 12.69 10.52
C LYS B 108 -11.16 12.99 9.24
N THR B 109 -11.76 13.78 8.34
CA THR B 109 -11.14 14.23 7.08
C THR B 109 -10.02 15.23 7.39
N ALA B 110 -10.29 16.16 8.36
CA ALA B 110 -9.39 17.21 8.81
C ALA B 110 -8.11 16.69 9.44
N ILE B 111 -8.19 15.60 10.24
CA ILE B 111 -7.04 14.96 10.89
C ILE B 111 -6.12 14.34 9.83
N ALA B 112 -6.73 13.68 8.82
CA ALA B 112 -6.03 13.08 7.69
C ALA B 112 -5.47 14.16 6.76
N MET B 113 -6.13 15.33 6.72
CA MET B 113 -5.70 16.51 5.95
C MET B 113 -4.46 17.08 6.65
N GLY B 114 -4.44 16.96 7.98
CA GLY B 114 -3.33 17.36 8.84
C GLY B 114 -2.15 16.43 8.66
N MET B 115 -2.43 15.12 8.49
CA MET B 115 -1.44 14.06 8.25
C MET B 115 -0.62 14.38 6.99
N ALA B 116 -1.31 14.89 5.94
CA ALA B 116 -0.73 15.26 4.65
C ALA B 116 0.29 16.39 4.79
N GLN B 117 -0.18 17.62 5.11
CA GLN B 117 0.62 18.83 5.26
C GLN B 117 1.84 18.69 6.19
N SER B 118 1.76 17.78 7.17
CA SER B 118 2.84 17.52 8.13
C SER B 118 3.90 16.51 7.61
N LEU B 119 3.68 15.92 6.41
CA LEU B 119 4.62 14.99 5.79
C LEU B 119 5.62 15.74 4.90
N GLY B 120 5.08 16.50 3.95
CA GLY B 120 5.85 17.30 2.99
C GLY B 120 5.12 18.57 2.59
N GLN B 121 5.83 19.47 1.89
CA GLN B 121 5.31 20.76 1.42
C GLN B 121 4.12 20.63 0.46
N ASP B 122 4.26 19.78 -0.57
CA ASP B 122 3.21 19.56 -1.55
C ASP B 122 3.00 18.07 -1.83
N VAL B 123 2.45 17.36 -0.82
CA VAL B 123 2.14 15.93 -0.92
C VAL B 123 0.66 15.74 -1.30
N PRO B 124 0.33 14.86 -2.28
CA PRO B 124 -1.08 14.72 -2.68
C PRO B 124 -1.98 14.03 -1.65
N PHE B 125 -3.14 14.64 -1.38
CA PHE B 125 -4.16 14.11 -0.47
C PHE B 125 -5.48 14.02 -1.20
N THR B 126 -6.11 12.84 -1.18
CA THR B 126 -7.38 12.61 -1.86
C THR B 126 -8.39 11.90 -0.97
N THR B 127 -9.63 12.41 -0.99
CA THR B 127 -10.77 11.86 -0.25
C THR B 127 -11.57 10.95 -1.18
N LEU B 128 -11.92 9.76 -0.67
CA LEU B 128 -12.71 8.77 -1.40
C LEU B 128 -13.70 8.11 -0.46
N ALA B 129 -14.99 8.20 -0.79
CA ALA B 129 -16.04 7.53 -0.02
C ALA B 129 -16.21 6.15 -0.66
N ALA B 130 -16.27 5.10 0.18
CA ALA B 130 -16.39 3.70 -0.25
C ALA B 130 -17.56 3.42 -1.21
N SER B 131 -18.67 4.16 -1.05
CA SER B 131 -19.85 4.04 -1.89
C SER B 131 -19.58 4.47 -3.34
N GLU B 132 -18.82 5.59 -3.52
CA GLU B 132 -18.44 6.17 -4.82
C GLU B 132 -17.74 5.17 -5.76
N ILE B 133 -17.14 4.10 -5.18
CA ILE B 133 -16.44 3.03 -5.89
C ILE B 133 -17.43 2.21 -6.72
N PHE B 134 -18.61 1.90 -6.13
CA PHE B 134 -19.67 1.13 -6.81
C PHE B 134 -20.47 2.05 -7.74
N SER B 135 -19.93 2.26 -8.96
CA SER B 135 -20.52 3.11 -9.99
C SER B 135 -21.14 2.27 -11.10
N LEU B 136 -22.20 2.81 -11.71
CA LEU B 136 -22.99 2.18 -12.80
C LEU B 136 -22.14 2.03 -14.04
N GLU B 137 -21.30 3.04 -14.32
CA GLU B 137 -20.33 3.00 -15.40
C GLU B 137 -18.98 3.43 -14.86
N MET B 138 -18.02 2.48 -14.88
CA MET B 138 -16.63 2.46 -14.40
C MET B 138 -16.51 1.28 -13.44
N SER B 139 -15.62 0.32 -13.78
CA SER B 139 -15.35 -0.87 -12.97
C SER B 139 -14.76 -0.43 -11.64
N LYS B 140 -15.16 -1.07 -10.52
CA LYS B 140 -14.67 -0.73 -9.19
C LYS B 140 -13.14 -0.88 -9.06
N THR B 141 -12.50 -1.54 -10.07
CA THR B 141 -11.05 -1.69 -10.17
C THR B 141 -10.48 -0.34 -10.63
N GLU B 142 -11.06 0.24 -11.72
CA GLU B 142 -10.71 1.54 -12.31
C GLU B 142 -11.03 2.65 -11.31
N ALA B 143 -12.15 2.52 -10.56
CA ALA B 143 -12.58 3.45 -9.52
C ALA B 143 -11.53 3.53 -8.41
N LEU B 144 -10.90 2.38 -8.07
CA LEU B 144 -9.85 2.28 -7.06
C LEU B 144 -8.47 2.63 -7.61
N THR B 145 -8.21 2.35 -8.91
CA THR B 145 -6.94 2.67 -9.59
C THR B 145 -6.80 4.19 -9.71
N GLN B 146 -7.91 4.88 -10.05
CA GLN B 146 -7.97 6.33 -10.16
C GLN B 146 -7.64 6.96 -8.81
N ALA B 147 -8.23 6.42 -7.72
CA ALA B 147 -8.03 6.85 -6.33
C ALA B 147 -6.55 6.77 -5.91
N PHE B 148 -5.88 5.64 -6.23
CA PHE B 148 -4.47 5.44 -5.90
C PHE B 148 -3.53 6.31 -6.71
N ARG B 149 -3.86 6.52 -8.01
CA ARG B 149 -3.08 7.36 -8.93
C ARG B 149 -3.23 8.85 -8.60
N LYS B 150 -4.34 9.23 -7.95
CA LYS B 150 -4.65 10.58 -7.47
C LYS B 150 -3.76 10.89 -6.26
N SER B 151 -3.27 9.84 -5.56
CA SER B 151 -2.44 9.92 -4.37
C SER B 151 -0.93 9.98 -4.64
N ILE B 152 -0.45 9.30 -5.71
CA ILE B 152 0.98 9.28 -6.06
C ILE B 152 1.32 10.44 -6.99
N GLY B 153 2.27 11.27 -6.59
CA GLY B 153 2.72 12.43 -7.36
C GLY B 153 4.17 12.40 -7.81
N VAL B 154 4.51 13.28 -8.76
CA VAL B 154 5.87 13.42 -9.32
C VAL B 154 6.38 14.86 -9.24
N ARG B 155 7.61 15.05 -8.73
CA ARG B 155 8.23 16.37 -8.58
C ARG B 155 9.21 16.69 -9.70
N ILE B 156 8.85 17.68 -10.55
CA ILE B 156 9.65 18.13 -11.68
C ILE B 156 9.84 19.66 -11.59
N LYS B 157 11.10 20.12 -11.71
CA LYS B 157 11.44 21.53 -11.70
C LYS B 157 11.18 22.07 -13.13
N GLU B 158 10.22 23.00 -13.25
CA GLU B 158 9.80 23.57 -14.54
C GLU B 158 9.87 25.09 -14.60
N GLU B 159 10.09 25.62 -15.81
CA GLU B 159 10.12 27.05 -16.10
C GLU B 159 8.68 27.47 -16.42
N SER B 160 8.08 28.33 -15.58
CA SER B 160 6.71 28.82 -15.75
C SER B 160 6.52 30.21 -15.16
N GLU B 161 5.71 31.04 -15.82
CA GLU B 161 5.43 32.41 -15.41
C GLU B 161 4.49 32.49 -14.21
N ILE B 162 4.87 33.29 -13.19
CA ILE B 162 4.10 33.49 -11.96
C ILE B 162 3.73 34.97 -11.80
N MET B 163 2.41 35.26 -11.75
CA MET B 163 1.87 36.61 -11.58
C MET B 163 1.94 37.03 -10.12
N GLU B 164 2.85 37.96 -9.78
CA GLU B 164 3.01 38.44 -8.41
C GLU B 164 2.71 39.94 -8.32
N GLY B 165 1.82 40.31 -7.40
CA GLY B 165 1.42 41.69 -7.18
C GLY B 165 0.14 41.89 -6.38
N GLU B 166 -0.08 43.14 -5.90
CA GLU B 166 -1.24 43.56 -5.11
C GLU B 166 -2.51 43.54 -5.98
N VAL B 167 -3.68 43.33 -5.35
CA VAL B 167 -4.96 43.25 -6.07
C VAL B 167 -5.91 44.42 -5.71
N VAL B 168 -6.66 44.90 -6.72
CA VAL B 168 -7.69 45.94 -6.66
C VAL B 168 -8.94 45.30 -7.28
N GLU B 169 -9.81 44.72 -6.43
CA GLU B 169 -11.01 43.99 -6.84
C GLU B 169 -12.13 44.84 -7.46
N ILE B 170 -13.13 44.16 -8.06
CA ILE B 170 -14.32 44.74 -8.72
C ILE B 170 -15.34 45.26 -7.69
N GLN B 182 -16.80 36.03 -15.80
CA GLN B 182 -17.98 36.77 -15.35
C GLN B 182 -17.64 38.20 -14.90
N GLY B 183 -16.53 38.34 -14.18
CA GLY B 183 -16.06 39.63 -13.67
C GLY B 183 -14.72 40.07 -14.24
N LYS B 184 -14.11 41.08 -13.60
CA LYS B 184 -12.82 41.67 -13.96
C LYS B 184 -12.07 42.15 -12.71
N LEU B 185 -10.95 41.49 -12.37
CA LEU B 185 -10.14 41.89 -11.21
C LEU B 185 -8.80 42.47 -11.66
N THR B 186 -8.52 43.72 -11.25
CA THR B 186 -7.31 44.45 -11.63
C THR B 186 -6.16 44.25 -10.64
N ILE B 187 -4.94 44.08 -11.16
CA ILE B 187 -3.71 43.87 -10.38
C ILE B 187 -2.75 45.05 -10.50
N LYS B 188 -1.88 45.24 -9.49
CA LYS B 188 -0.92 46.34 -9.45
C LYS B 188 0.42 45.97 -8.81
N THR B 189 1.51 46.54 -9.35
CA THR B 189 2.88 46.43 -8.84
C THR B 189 3.43 47.85 -8.62
N THR B 190 4.60 47.99 -7.95
CA THR B 190 5.19 49.31 -7.68
C THR B 190 5.74 49.97 -8.97
N ASP B 191 5.83 49.21 -10.09
CA ASP B 191 6.33 49.71 -11.38
C ASP B 191 5.26 49.75 -12.48
N MET B 192 4.36 48.74 -12.55
CA MET B 192 3.32 48.69 -13.58
C MET B 192 1.92 48.32 -13.08
N GLU B 193 0.89 48.72 -13.85
CA GLU B 193 -0.54 48.49 -13.57
C GLU B 193 -1.24 47.89 -14.80
N ALA B 194 -2.10 46.87 -14.60
CA ALA B 194 -2.82 46.20 -15.69
C ALA B 194 -4.18 45.63 -15.30
N ILE B 195 -5.14 45.62 -16.25
CA ILE B 195 -6.49 45.08 -16.07
C ILE B 195 -6.57 43.66 -16.66
N TYR B 196 -7.23 42.73 -15.93
CA TYR B 196 -7.35 41.34 -16.38
C TYR B 196 -8.76 40.79 -16.27
N ASP B 197 -9.31 40.30 -17.40
CA ASP B 197 -10.64 39.70 -17.48
C ASP B 197 -10.64 38.33 -16.82
N MET B 198 -11.55 38.13 -15.86
CA MET B 198 -11.64 36.90 -15.07
C MET B 198 -12.23 35.72 -15.81
N GLY B 199 -11.54 34.59 -15.72
CA GLY B 199 -11.96 33.31 -16.29
C GLY B 199 -12.95 32.65 -15.34
N SER B 200 -13.97 31.97 -15.90
CA SER B 200 -15.04 31.30 -15.14
C SER B 200 -14.53 30.37 -14.03
N LYS B 201 -13.48 29.58 -14.31
CA LYS B 201 -12.87 28.65 -13.34
C LYS B 201 -11.96 29.36 -12.33
N MET B 202 -11.36 30.51 -12.72
CA MET B 202 -10.47 31.32 -11.88
C MET B 202 -11.22 31.99 -10.72
N ILE B 203 -12.49 32.40 -10.97
CA ILE B 203 -13.39 33.03 -9.98
C ILE B 203 -13.65 32.03 -8.83
N ASP B 204 -14.00 30.78 -9.19
CA ASP B 204 -14.28 29.68 -8.26
C ASP B 204 -13.02 29.23 -7.50
N ALA B 205 -11.83 29.48 -8.07
CA ALA B 205 -10.53 29.10 -7.50
C ALA B 205 -10.07 30.00 -6.36
N MET B 206 -10.21 31.33 -6.49
CA MET B 206 -9.78 32.27 -5.45
C MET B 206 -10.86 32.61 -4.41
N THR B 207 -12.14 32.32 -4.71
CA THR B 207 -13.24 32.53 -3.76
C THR B 207 -13.14 31.50 -2.63
N LYS B 208 -12.58 30.30 -2.95
CA LYS B 208 -12.30 29.21 -2.00
C LYS B 208 -11.09 29.58 -1.15
N GLU B 209 -10.18 30.41 -1.72
CA GLU B 209 -8.97 30.93 -1.07
C GLU B 209 -9.33 32.16 -0.22
N ARG B 210 -10.52 32.75 -0.47
CA ARG B 210 -11.09 33.95 0.19
C ARG B 210 -10.20 35.19 -0.04
N VAL B 211 -9.84 35.45 -1.32
CA VAL B 211 -8.99 36.57 -1.72
C VAL B 211 -9.79 37.88 -1.74
N MET B 212 -9.35 38.84 -0.91
CA MET B 212 -9.94 40.18 -0.76
C MET B 212 -9.03 41.22 -1.43
N ALA B 213 -9.56 42.44 -1.68
CA ALA B 213 -8.81 43.54 -2.30
C ALA B 213 -7.71 44.05 -1.36
N GLY B 214 -6.50 44.23 -1.92
CA GLY B 214 -5.33 44.69 -1.19
C GLY B 214 -4.34 43.59 -0.87
N ASP B 215 -4.73 42.32 -1.08
CA ASP B 215 -3.91 41.14 -0.83
C ASP B 215 -2.79 40.96 -1.86
N ILE B 216 -1.60 40.54 -1.39
CA ILE B 216 -0.45 40.27 -2.24
C ILE B 216 -0.48 38.75 -2.58
N ILE B 217 -0.66 38.43 -3.87
CA ILE B 217 -0.82 37.06 -4.35
C ILE B 217 0.16 36.65 -5.46
N SER B 218 0.41 35.33 -5.56
CA SER B 218 1.28 34.72 -6.57
C SER B 218 0.48 33.67 -7.35
N ILE B 219 0.17 33.97 -8.62
CA ILE B 219 -0.60 33.08 -9.48
C ILE B 219 0.29 32.40 -10.52
N ASP B 220 0.54 31.09 -10.35
CA ASP B 220 1.33 30.29 -11.28
C ASP B 220 0.39 29.89 -12.41
N LYS B 221 0.61 30.45 -13.62
CA LYS B 221 -0.23 30.26 -14.80
C LYS B 221 -0.28 28.81 -15.31
N SER B 222 0.79 28.02 -15.08
CA SER B 222 0.87 26.61 -15.51
C SER B 222 -0.07 25.70 -14.72
N SER B 223 -0.18 25.91 -13.40
CA SER B 223 -1.04 25.11 -12.51
C SER B 223 -2.42 25.76 -12.29
N GLY B 224 -2.45 27.10 -12.26
CA GLY B 224 -3.66 27.89 -12.04
C GLY B 224 -3.94 28.21 -10.60
N LYS B 225 -3.09 27.72 -9.67
CA LYS B 225 -3.24 27.93 -8.23
C LYS B 225 -2.82 29.33 -7.78
N ILE B 226 -3.70 30.00 -7.01
CA ILE B 226 -3.47 31.33 -6.44
C ILE B 226 -2.98 31.13 -5.00
N THR B 227 -1.82 31.70 -4.66
CA THR B 227 -1.25 31.57 -3.32
C THR B 227 -1.14 32.93 -2.64
N LYS B 228 -1.81 33.08 -1.47
CA LYS B 228 -1.81 34.31 -0.67
C LYS B 228 -0.47 34.49 0.06
N LEU B 229 0.36 35.41 -0.45
CA LEU B 229 1.67 35.70 0.14
C LEU B 229 1.57 36.61 1.35
N GLY B 230 0.49 37.40 1.42
CA GLY B 230 0.23 38.32 2.52
C GLY B 230 -0.60 39.53 2.12
N ARG B 231 -0.26 40.70 2.69
CA ARG B 231 -0.93 41.98 2.43
C ARG B 231 0.03 43.14 2.62
N SER B 232 -0.25 44.28 1.94
CA SER B 232 0.57 45.49 2.04
C SER B 232 0.09 46.39 3.19
N TYR B 233 -1.23 46.46 3.41
CA TYR B 233 -1.87 47.25 4.46
C TYR B 233 -2.91 46.43 5.23
N ALA B 234 -3.00 46.66 6.55
CA ALA B 234 -3.95 45.96 7.41
C ALA B 234 -5.24 46.76 7.57
N PHE B 248 3.46 42.97 7.60
CA PHE B 248 2.95 43.16 6.25
C PHE B 248 4.07 43.13 5.21
N LEU B 249 3.82 42.48 4.05
CA LEU B 249 4.77 42.35 2.94
C LEU B 249 4.60 43.45 1.89
N GLN B 250 5.73 44.07 1.46
CA GLN B 250 5.73 45.16 0.47
C GLN B 250 5.50 44.65 -0.97
N CYS B 251 5.06 45.57 -1.86
CA CYS B 251 4.77 45.34 -3.28
C CYS B 251 5.99 44.83 -4.07
N PRO B 252 5.82 43.87 -5.00
CA PRO B 252 6.97 43.40 -5.80
C PRO B 252 7.47 44.47 -6.77
N GLU B 253 8.79 44.49 -7.02
CA GLU B 253 9.48 45.47 -7.85
C GLU B 253 9.11 45.43 -9.35
N GLY B 254 9.65 44.46 -10.09
CA GLY B 254 9.49 44.32 -11.53
C GLY B 254 8.11 44.01 -12.08
N GLU B 255 8.05 43.70 -13.39
CA GLU B 255 6.83 43.35 -14.12
C GLU B 255 6.28 42.02 -13.59
N LEU B 256 4.94 41.93 -13.51
CA LEU B 256 4.15 40.82 -12.98
C LEU B 256 4.60 39.41 -13.36
N GLN B 257 4.56 39.06 -14.66
CA GLN B 257 4.93 37.73 -15.14
C GLN B 257 6.45 37.52 -15.18
N LYS B 258 6.92 36.54 -14.38
CA LYS B 258 8.33 36.17 -14.24
C LYS B 258 8.46 34.65 -14.34
N ARG B 259 9.23 34.17 -15.34
CA ARG B 259 9.45 32.72 -15.51
C ARG B 259 10.66 32.25 -14.69
N LYS B 260 10.37 31.39 -13.69
CA LYS B 260 11.36 30.84 -12.75
C LYS B 260 11.34 29.30 -12.72
N GLU B 261 12.42 28.68 -12.21
CA GLU B 261 12.55 27.24 -12.07
C GLU B 261 11.86 26.78 -10.78
N VAL B 262 10.54 26.51 -10.87
CA VAL B 262 9.70 26.09 -9.74
C VAL B 262 9.37 24.61 -9.79
N VAL B 263 9.26 23.97 -8.61
CA VAL B 263 8.94 22.55 -8.47
C VAL B 263 7.43 22.36 -8.66
N HIS B 264 7.05 21.45 -9.57
CA HIS B 264 5.65 21.12 -9.86
C HIS B 264 5.34 19.70 -9.41
N THR B 265 4.31 19.53 -8.56
CA THR B 265 3.90 18.24 -8.04
C THR B 265 2.50 17.86 -8.54
N VAL B 266 2.45 17.09 -9.64
CA VAL B 266 1.20 16.67 -10.25
C VAL B 266 1.04 15.15 -10.10
N SER B 267 -0.12 14.73 -9.56
CA SER B 267 -0.50 13.34 -9.33
C SER B 267 -0.60 12.55 -10.63
N LEU B 268 -0.31 11.23 -10.57
CA LEU B 268 -0.37 10.31 -11.70
C LEU B 268 -1.69 10.37 -12.45
N HIS B 269 -2.82 10.41 -11.71
CA HIS B 269 -4.17 10.50 -12.27
C HIS B 269 -4.37 11.80 -13.03
N GLU B 270 -3.79 12.92 -12.53
CA GLU B 270 -3.90 14.21 -13.18
C GLU B 270 -3.12 14.23 -14.50
N ILE B 271 -1.99 13.52 -14.58
CA ILE B 271 -1.18 13.40 -15.80
C ILE B 271 -1.98 12.60 -16.85
N ASP B 272 -2.77 11.61 -16.38
CA ASP B 272 -3.63 10.78 -17.23
C ASP B 272 -4.75 11.63 -17.82
N VAL B 273 -5.45 12.43 -16.97
CA VAL B 273 -6.58 13.28 -17.37
C VAL B 273 -6.11 14.47 -18.27
N ILE B 274 -4.82 14.88 -18.17
CA ILE B 274 -4.24 15.95 -18.99
C ILE B 274 -3.94 15.40 -20.40
N ASN B 275 -3.25 14.24 -20.46
CA ASN B 275 -2.85 13.57 -21.70
C ASN B 275 -4.02 12.89 -22.44
N SER B 276 -5.08 12.48 -21.70
CA SER B 276 -6.25 11.84 -22.31
C SER B 276 -7.23 12.88 -22.87
N ARG B 277 -8.26 12.39 -23.61
CA ARG B 277 -9.31 13.20 -24.24
C ARG B 277 -10.01 14.11 -23.22
N THR B 278 -10.08 15.41 -23.54
CA THR B 278 -10.70 16.43 -22.69
C THR B 278 -12.18 16.17 -22.52
N GLN B 279 -12.66 16.23 -21.25
CA GLN B 279 -14.07 16.01 -20.92
C GLN B 279 -14.90 17.20 -21.41
N GLY B 280 -15.89 16.89 -22.25
CA GLY B 280 -16.79 17.89 -22.81
C GLY B 280 -17.76 18.45 -21.79
N PHE B 281 -18.29 19.65 -22.06
CA PHE B 281 -19.27 20.34 -21.22
C PHE B 281 -20.49 19.47 -20.97
N LEU B 282 -20.90 19.35 -19.68
CA LEU B 282 -22.01 18.52 -19.19
C LEU B 282 -21.71 17.03 -19.41
N ALA B 283 -20.74 16.51 -18.63
CA ALA B 283 -20.30 15.13 -18.66
C ALA B 283 -21.31 14.19 -17.98
N LEU B 284 -21.97 14.67 -16.91
CA LEU B 284 -22.99 13.92 -16.16
C LEU B 284 -24.33 13.85 -16.90
N PHE B 285 -24.52 14.72 -17.92
CA PHE B 285 -25.71 14.79 -18.79
C PHE B 285 -25.83 13.50 -19.59
N SER B 286 -24.69 12.99 -20.12
CA SER B 286 -24.58 11.76 -20.91
C SER B 286 -23.13 11.41 -21.20
N GLY B 287 -22.89 10.12 -21.46
CA GLY B 287 -21.58 9.59 -21.80
C GLY B 287 -20.91 8.83 -20.68
N ASP B 288 -19.81 8.13 -21.04
CA ASP B 288 -18.99 7.34 -20.13
C ASP B 288 -18.28 8.24 -19.10
N THR B 289 -17.92 7.67 -17.96
CA THR B 289 -17.21 8.38 -16.89
C THR B 289 -15.73 8.64 -17.25
N GLY B 290 -14.96 9.12 -16.28
CA GLY B 290 -13.54 9.42 -16.45
C GLY B 290 -12.65 8.18 -16.50
N GLU B 291 -13.11 7.12 -17.20
CA GLU B 291 -12.40 5.86 -17.37
C GLU B 291 -11.23 6.08 -18.34
N ILE B 292 -10.02 6.24 -17.80
CA ILE B 292 -8.81 6.48 -18.60
C ILE B 292 -8.39 5.19 -19.32
N ARG B 293 -8.21 5.29 -20.65
CA ARG B 293 -7.81 4.19 -21.51
C ARG B 293 -6.45 3.62 -21.10
N SER B 294 -6.34 2.28 -21.16
CA SER B 294 -5.13 1.52 -20.81
C SER B 294 -3.92 1.92 -21.66
N GLU B 295 -4.18 2.36 -22.91
CA GLU B 295 -3.17 2.82 -23.86
C GLU B 295 -2.54 4.16 -23.44
N ILE B 296 -3.37 5.10 -22.93
CA ILE B 296 -2.95 6.43 -22.47
C ILE B 296 -2.13 6.29 -21.17
N ARG B 297 -2.66 5.55 -20.18
CA ARG B 297 -2.01 5.27 -18.90
C ARG B 297 -0.63 4.64 -19.06
N ASP B 298 -0.45 3.82 -20.12
CA ASP B 298 0.80 3.15 -20.47
C ASP B 298 1.88 4.17 -20.85
N GLN B 299 1.49 5.19 -21.66
CA GLN B 299 2.36 6.27 -22.13
C GLN B 299 2.89 7.10 -20.96
N ILE B 300 2.04 7.35 -19.94
CA ILE B 300 2.40 8.10 -18.74
C ILE B 300 3.36 7.29 -17.86
N ASN B 301 2.97 6.04 -17.51
CA ASN B 301 3.76 5.12 -16.68
C ASN B 301 5.18 4.92 -17.21
N THR B 302 5.33 4.72 -18.53
CA THR B 302 6.62 4.53 -19.21
C THR B 302 7.45 5.82 -19.20
N LYS B 303 6.80 7.00 -19.29
CA LYS B 303 7.47 8.30 -19.27
C LYS B 303 7.93 8.65 -17.85
N VAL B 304 7.13 8.29 -16.83
CA VAL B 304 7.44 8.50 -15.41
C VAL B 304 8.64 7.62 -15.03
N ALA B 305 8.64 6.34 -15.49
CA ALA B 305 9.73 5.39 -15.26
C ALA B 305 11.03 5.85 -15.91
N GLU B 306 10.94 6.48 -17.09
CA GLU B 306 12.07 7.03 -17.83
C GLU B 306 12.61 8.28 -17.15
N TRP B 307 11.72 9.05 -16.47
CA TRP B 307 12.06 10.27 -15.74
C TRP B 307 12.72 9.98 -14.39
N LYS B 308 12.35 8.85 -13.76
CA LYS B 308 12.90 8.39 -12.47
C LYS B 308 14.40 8.07 -12.63
N GLU B 309 14.74 7.33 -13.72
CA GLU B 309 16.10 6.92 -14.07
C GLU B 309 16.98 8.12 -14.48
N GLU B 310 16.39 9.07 -15.22
CA GLU B 310 17.05 10.29 -15.69
C GLU B 310 17.39 11.24 -14.54
N GLY B 311 16.52 11.29 -13.53
CA GLY B 311 16.65 12.17 -12.38
C GLY B 311 15.81 13.42 -12.52
N LYS B 312 14.98 13.47 -13.58
CA LYS B 312 14.07 14.58 -13.90
C LYS B 312 12.90 14.64 -12.92
N ALA B 313 12.33 13.46 -12.58
CA ALA B 313 11.19 13.34 -11.66
C ALA B 313 11.51 12.61 -10.38
N GLU B 314 10.87 13.04 -9.28
CA GLU B 314 10.99 12.43 -7.96
C GLU B 314 9.60 11.97 -7.55
N ILE B 315 9.40 10.65 -7.42
CA ILE B 315 8.13 10.05 -7.03
C ILE B 315 7.86 10.31 -5.55
N VAL B 316 6.72 10.94 -5.25
CA VAL B 316 6.35 11.28 -3.87
C VAL B 316 5.01 10.59 -3.48
N PRO B 317 5.05 9.62 -2.54
CA PRO B 317 3.82 8.93 -2.15
C PRO B 317 3.02 9.76 -1.16
N GLY B 318 1.84 10.21 -1.60
CA GLY B 318 0.95 11.03 -0.81
C GLY B 318 0.15 10.28 0.23
N VAL B 319 -1.15 10.61 0.35
CA VAL B 319 -2.04 10.01 1.33
C VAL B 319 -3.47 9.85 0.79
N LEU B 320 -3.97 8.60 0.80
CA LEU B 320 -5.32 8.27 0.35
C LEU B 320 -6.23 8.16 1.56
N PHE B 321 -7.34 8.89 1.55
CA PHE B 321 -8.32 8.85 2.62
C PHE B 321 -9.57 8.13 2.15
N ILE B 322 -9.88 6.99 2.78
CA ILE B 322 -11.04 6.17 2.47
C ILE B 322 -12.07 6.31 3.59
N ASP B 323 -13.25 6.82 3.25
CA ASP B 323 -14.39 7.05 4.16
C ASP B 323 -15.45 5.98 3.91
N GLU B 324 -16.34 5.72 4.91
CA GLU B 324 -17.42 4.72 4.84
C GLU B 324 -16.90 3.27 4.58
N VAL B 325 -15.67 2.98 5.06
CA VAL B 325 -14.88 1.74 4.94
C VAL B 325 -15.72 0.45 5.09
N HIS B 326 -16.76 0.47 5.95
CA HIS B 326 -17.68 -0.66 6.18
C HIS B 326 -18.34 -1.15 4.87
N MET B 327 -18.51 -0.23 3.89
CA MET B 327 -19.11 -0.46 2.58
C MET B 327 -18.21 -1.19 1.57
N LEU B 328 -16.89 -1.26 1.83
CA LEU B 328 -15.93 -1.92 0.95
C LEU B 328 -16.13 -3.45 0.89
N ASP B 329 -16.06 -4.00 -0.32
CA ASP B 329 -16.18 -5.43 -0.62
C ASP B 329 -14.84 -6.12 -0.33
N ILE B 330 -14.85 -7.46 -0.17
CA ILE B 330 -13.67 -8.29 0.08
C ILE B 330 -12.63 -8.18 -1.08
N GLU B 331 -13.12 -7.90 -2.31
CA GLU B 331 -12.32 -7.73 -3.52
C GLU B 331 -11.57 -6.40 -3.52
N CYS B 332 -12.09 -5.40 -2.76
CA CYS B 332 -11.47 -4.08 -2.62
C CYS B 332 -10.23 -4.16 -1.74
N PHE B 333 -10.38 -4.82 -0.56
CA PHE B 333 -9.30 -5.00 0.41
C PHE B 333 -8.13 -5.78 -0.15
N SER B 334 -8.39 -6.73 -1.07
CA SER B 334 -7.36 -7.51 -1.75
C SER B 334 -6.57 -6.62 -2.71
N TYR B 335 -7.25 -5.62 -3.32
CA TYR B 335 -6.61 -4.66 -4.23
C TYR B 335 -5.83 -3.62 -3.42
N ILE B 336 -6.43 -3.13 -2.29
CA ILE B 336 -5.81 -2.15 -1.41
C ILE B 336 -4.45 -2.69 -0.90
N ASN B 337 -4.40 -3.96 -0.45
CA ASN B 337 -3.19 -4.63 0.00
C ASN B 337 -2.19 -4.85 -1.14
N ARG B 338 -2.69 -5.07 -2.37
CA ARG B 338 -1.89 -5.27 -3.58
C ARG B 338 -1.22 -3.95 -3.99
N ALA B 339 -1.94 -2.82 -3.81
CA ALA B 339 -1.47 -1.46 -4.10
C ALA B 339 -0.57 -0.94 -2.96
N LEU B 340 -0.81 -1.46 -1.74
CA LEU B 340 -0.08 -1.15 -0.52
C LEU B 340 1.26 -1.91 -0.50
N GLU B 341 1.34 -3.04 -1.24
CA GLU B 341 2.51 -3.92 -1.38
C GLU B 341 3.73 -3.17 -1.94
N SER B 342 3.50 -2.22 -2.87
CA SER B 342 4.53 -1.39 -3.52
C SER B 342 5.38 -0.62 -2.52
N ASP B 343 6.66 -0.37 -2.87
CA ASP B 343 7.58 0.39 -2.02
C ASP B 343 7.23 1.88 -2.03
N LEU B 344 6.62 2.35 -3.13
CA LEU B 344 6.19 3.75 -3.32
C LEU B 344 4.68 3.94 -3.06
N ALA B 345 4.07 3.04 -2.26
CA ALA B 345 2.65 3.06 -1.90
C ALA B 345 2.28 4.29 -1.05
N PRO B 346 1.04 4.84 -1.17
CA PRO B 346 0.71 6.00 -0.34
C PRO B 346 0.27 5.61 1.07
N ILE B 347 0.08 6.60 1.95
CA ILE B 347 -0.38 6.36 3.31
C ILE B 347 -1.90 6.18 3.21
N VAL B 348 -2.38 4.94 3.38
CA VAL B 348 -3.79 4.62 3.29
C VAL B 348 -4.45 4.83 4.65
N ILE B 349 -5.33 5.85 4.73
CA ILE B 349 -6.07 6.18 5.94
C ILE B 349 -7.52 5.75 5.74
N MET B 350 -8.01 4.89 6.63
CA MET B 350 -9.37 4.36 6.60
C MET B 350 -10.18 5.11 7.66
N ALA B 351 -11.49 5.29 7.43
CA ALA B 351 -12.36 5.99 8.37
C ALA B 351 -13.71 5.29 8.54
N SER B 352 -13.95 4.76 9.76
CA SER B 352 -15.19 4.06 10.10
C SER B 352 -15.97 4.84 11.17
N ASN B 353 -17.26 5.09 10.88
CA ASN B 353 -18.19 5.82 11.77
C ASN B 353 -19.08 4.81 12.51
N ARG B 354 -18.78 3.50 12.39
CA ARG B 354 -19.57 2.41 12.97
C ARG B 354 -18.85 1.63 14.07
N GLY B 355 -19.63 1.15 15.04
CA GLY B 355 -19.17 0.34 16.15
C GLY B 355 -18.97 -1.10 15.71
N VAL B 356 -20.08 -1.78 15.37
CA VAL B 356 -20.09 -3.17 14.88
C VAL B 356 -20.79 -3.23 13.51
N SER B 357 -20.09 -3.74 12.47
CA SER B 357 -20.61 -3.88 11.10
C SER B 357 -20.08 -5.11 10.37
N ARG B 358 -20.97 -5.80 9.64
CA ARG B 358 -20.66 -7.01 8.86
C ARG B 358 -19.83 -6.68 7.61
N ILE B 359 -18.98 -7.63 7.18
CA ILE B 359 -18.13 -7.51 6.00
C ILE B 359 -19.00 -7.80 4.76
N ARG B 360 -18.77 -7.04 3.66
CA ARG B 360 -19.50 -7.22 2.41
C ARG B 360 -18.70 -8.17 1.49
N GLY B 361 -19.38 -9.18 0.98
CA GLY B 361 -18.78 -10.22 0.14
C GLY B 361 -18.49 -11.47 0.95
N THR B 362 -18.15 -11.28 2.24
CA THR B 362 -17.87 -12.33 3.22
C THR B 362 -19.12 -12.54 4.07
N ASP B 363 -19.42 -13.80 4.43
CA ASP B 363 -20.59 -14.15 5.24
C ASP B 363 -20.43 -13.75 6.72
N TYR B 364 -19.17 -13.72 7.20
CA TYR B 364 -18.80 -13.40 8.59
C TYR B 364 -18.89 -11.90 8.93
N LYS B 365 -19.02 -11.60 10.24
CA LYS B 365 -19.11 -10.24 10.80
C LYS B 365 -17.76 -9.86 11.44
N SER B 366 -17.49 -8.55 11.61
CA SER B 366 -16.24 -8.05 12.19
C SER B 366 -16.45 -6.69 12.95
N PRO B 367 -15.42 -6.05 13.57
CA PRO B 367 -15.70 -4.78 14.28
C PRO B 367 -16.08 -3.60 13.38
N HIS B 368 -15.14 -3.03 12.60
CA HIS B 368 -15.43 -1.87 11.75
C HIS B 368 -15.79 -2.23 10.29
N GLY B 369 -15.98 -3.52 10.02
CA GLY B 369 -16.32 -4.03 8.70
C GLY B 369 -15.11 -4.46 7.88
N LEU B 370 -13.95 -4.60 8.56
CA LEU B 370 -12.67 -4.97 7.99
C LEU B 370 -12.48 -6.49 8.07
N PRO B 371 -11.84 -7.17 7.09
CA PRO B 371 -11.64 -8.63 7.21
C PRO B 371 -10.72 -9.01 8.35
N LEU B 372 -10.82 -10.26 8.83
CA LEU B 372 -10.04 -10.83 9.94
C LEU B 372 -8.52 -10.63 9.79
N ASP B 373 -8.04 -10.47 8.55
CA ASP B 373 -6.64 -10.28 8.16
C ASP B 373 -6.20 -8.81 8.21
N PHE B 374 -7.11 -7.86 7.93
CA PHE B 374 -6.81 -6.42 7.91
C PHE B 374 -6.66 -5.79 9.28
N LEU B 375 -7.53 -6.16 10.26
CA LEU B 375 -7.53 -5.61 11.62
C LEU B 375 -6.17 -5.70 12.35
N ASP B 376 -5.42 -6.78 12.12
CA ASP B 376 -4.11 -7.00 12.74
C ASP B 376 -3.01 -6.15 12.08
N ARG B 377 -3.15 -5.86 10.78
CA ARG B 377 -2.19 -5.06 10.01
C ARG B 377 -2.39 -3.56 10.24
N VAL B 378 -3.66 -3.11 10.30
CA VAL B 378 -4.07 -1.72 10.47
C VAL B 378 -3.65 -1.13 11.85
N VAL B 379 -3.49 0.20 11.91
CA VAL B 379 -3.15 0.96 13.11
C VAL B 379 -4.37 1.82 13.41
N ILE B 380 -5.09 1.53 14.51
CA ILE B 380 -6.35 2.21 14.85
C ILE B 380 -6.13 3.42 15.76
N ILE B 381 -6.79 4.54 15.41
CA ILE B 381 -6.82 5.83 16.10
C ILE B 381 -8.31 6.15 16.35
N ASN B 382 -8.65 6.65 17.54
CA ASN B 382 -10.04 6.98 17.86
C ASN B 382 -10.30 8.46 18.13
N THR B 383 -11.34 9.02 17.47
CA THR B 383 -11.79 10.39 17.68
C THR B 383 -12.86 10.34 18.77
N HIS B 384 -13.05 11.45 19.50
CA HIS B 384 -14.00 11.49 20.61
C HIS B 384 -15.10 12.55 20.40
N PRO B 385 -16.26 12.50 21.12
CA PRO B 385 -17.29 13.54 20.90
C PRO B 385 -16.86 14.90 21.44
N TYR B 386 -17.05 15.95 20.63
CA TYR B 386 -16.68 17.33 20.96
C TYR B 386 -17.48 17.86 22.16
N THR B 387 -16.80 18.60 23.05
CA THR B 387 -17.41 19.21 24.23
C THR B 387 -18.16 20.50 23.80
N PRO B 388 -19.16 21.03 24.58
CA PRO B 388 -19.84 22.26 24.15
C PRO B 388 -18.91 23.45 23.88
N ASP B 389 -17.75 23.50 24.57
CA ASP B 389 -16.73 24.54 24.37
C ASP B 389 -15.92 24.28 23.10
N GLU B 390 -15.70 22.98 22.73
CA GLU B 390 -14.99 22.57 21.50
C GLU B 390 -15.90 22.90 20.31
N LEU B 391 -17.21 22.60 20.45
CA LEU B 391 -18.26 22.85 19.47
C LEU B 391 -18.51 24.34 19.27
N ARG B 392 -18.27 25.16 20.31
CA ARG B 392 -18.46 26.62 20.34
C ARG B 392 -17.73 27.34 19.20
N GLN B 393 -16.41 27.07 19.03
CA GLN B 393 -15.64 27.73 17.99
C GLN B 393 -15.87 27.12 16.60
N ILE B 394 -16.04 25.77 16.49
CA ILE B 394 -16.27 25.08 15.20
C ILE B 394 -17.42 25.74 14.43
N LEU B 395 -18.57 25.93 15.10
CA LEU B 395 -19.74 26.57 14.50
C LEU B 395 -19.51 28.05 14.18
N SER B 396 -18.67 28.75 14.99
CA SER B 396 -18.34 30.16 14.77
C SER B 396 -17.38 30.35 13.59
N ILE B 397 -16.46 29.38 13.38
CA ILE B 397 -15.49 29.37 12.27
C ILE B 397 -16.29 29.18 10.97
N ARG B 398 -17.26 28.24 10.99
CA ARG B 398 -18.16 27.94 9.86
C ARG B 398 -19.13 29.09 9.61
N ALA B 399 -19.47 29.87 10.67
CA ALA B 399 -20.35 31.03 10.59
C ALA B 399 -19.67 32.17 9.83
N GLN B 400 -18.36 32.38 10.08
CA GLN B 400 -17.55 33.41 9.42
C GLN B 400 -17.29 33.04 7.96
N GLU B 401 -17.04 31.74 7.70
CA GLU B 401 -16.78 31.17 6.37
C GLU B 401 -18.00 31.35 5.45
N GLU B 402 -19.21 31.22 6.02
CA GLU B 402 -20.49 31.39 5.32
C GLU B 402 -20.99 32.84 5.39
N GLU B 403 -20.15 33.74 5.97
CA GLU B 403 -20.36 35.19 6.16
C GLU B 403 -21.70 35.52 6.85
N VAL B 404 -21.91 34.93 8.05
CA VAL B 404 -23.11 35.18 8.86
C VAL B 404 -22.73 35.77 10.22
N ASP B 405 -23.60 36.63 10.77
CA ASP B 405 -23.38 37.28 12.07
C ASP B 405 -24.41 36.84 13.10
N LEU B 406 -23.96 36.12 14.15
CA LEU B 406 -24.81 35.57 15.20
C LEU B 406 -24.65 36.28 16.55
N THR B 407 -25.74 36.31 17.33
CA THR B 407 -25.75 36.86 18.70
C THR B 407 -25.12 35.80 19.63
N PRO B 408 -24.50 36.16 20.78
CA PRO B 408 -23.90 35.12 21.65
C PRO B 408 -24.88 34.03 22.11
N ASP B 409 -26.17 34.39 22.29
CA ASP B 409 -27.25 33.48 22.69
C ASP B 409 -27.58 32.45 21.59
N ALA B 410 -27.53 32.87 20.31
CA ALA B 410 -27.83 32.03 19.15
C ALA B 410 -26.81 30.91 18.95
N LEU B 411 -25.50 31.22 19.07
CA LEU B 411 -24.41 30.24 18.93
C LEU B 411 -24.48 29.24 20.09
N ALA B 412 -24.84 29.72 21.30
CA ALA B 412 -25.01 28.90 22.49
C ALA B 412 -26.15 27.89 22.27
N LEU B 413 -27.22 28.32 21.56
CA LEU B 413 -28.36 27.48 21.19
C LEU B 413 -27.95 26.51 20.08
N LEU B 414 -27.21 26.98 19.07
CA LEU B 414 -26.72 26.18 17.94
C LEU B 414 -25.78 25.06 18.40
N THR B 415 -24.95 25.33 19.44
CA THR B 415 -24.04 24.35 20.01
C THR B 415 -24.81 23.35 20.88
N LYS B 416 -25.92 23.82 21.48
CA LYS B 416 -26.82 22.99 22.30
C LYS B 416 -27.54 21.98 21.40
N ILE B 417 -27.73 22.33 20.10
CA ILE B 417 -28.32 21.45 19.08
C ILE B 417 -27.27 20.38 18.79
N GLY B 418 -26.02 20.81 18.63
CA GLY B 418 -24.86 19.95 18.38
C GLY B 418 -24.53 18.95 19.47
N GLN B 419 -25.16 19.08 20.65
CA GLN B 419 -24.98 18.19 21.79
C GLN B 419 -25.73 16.87 21.55
N GLU B 420 -27.07 16.95 21.38
CA GLU B 420 -27.93 15.78 21.14
C GLU B 420 -27.95 15.36 19.67
N ALA B 421 -28.10 16.34 18.76
CA ALA B 421 -28.08 16.11 17.31
C ALA B 421 -26.63 16.32 16.81
N GLY B 422 -26.33 15.90 15.58
CA GLY B 422 -25.00 16.00 15.00
C GLY B 422 -24.48 17.41 14.77
N LEU B 423 -23.15 17.54 14.60
CA LEU B 423 -22.46 18.81 14.31
C LEU B 423 -22.88 19.28 12.91
N ARG B 424 -22.97 18.33 11.96
CA ARG B 424 -23.36 18.55 10.56
C ARG B 424 -24.77 19.09 10.45
N TYR B 425 -25.71 18.62 11.30
CA TYR B 425 -27.09 19.10 11.33
C TYR B 425 -27.13 20.55 11.83
N ALA B 426 -26.34 20.84 12.88
CA ALA B 426 -26.21 22.17 13.47
C ALA B 426 -25.59 23.15 12.48
N SER B 427 -24.64 22.67 11.64
CA SER B 427 -23.98 23.45 10.60
C SER B 427 -24.97 23.80 9.48
N ASN B 428 -25.95 22.92 9.21
CA ASN B 428 -26.99 23.14 8.21
C ASN B 428 -27.98 24.21 8.67
N LEU B 429 -28.23 24.28 9.99
CA LEU B 429 -29.13 25.26 10.61
C LEU B 429 -28.57 26.69 10.57
N ILE B 430 -27.26 26.83 10.28
CA ILE B 430 -26.57 28.14 10.17
C ILE B 430 -27.05 28.85 8.89
N THR B 431 -26.93 28.18 7.73
CA THR B 431 -27.31 28.72 6.41
C THR B 431 -28.82 28.95 6.27
N THR B 432 -29.64 28.09 6.91
CA THR B 432 -31.10 28.21 6.86
C THR B 432 -31.62 29.39 7.69
N SER B 433 -31.05 29.59 8.91
CA SER B 433 -31.43 30.68 9.82
C SER B 433 -31.10 32.07 9.27
N GLN B 434 -30.05 32.17 8.44
CA GLN B 434 -29.60 33.41 7.82
C GLN B 434 -30.68 33.99 6.89
N LEU B 435 -31.33 33.12 6.08
CA LEU B 435 -32.38 33.50 5.15
C LEU B 435 -33.66 33.97 5.86
N ILE B 436 -33.98 33.35 7.02
CA ILE B 436 -35.14 33.72 7.84
C ILE B 436 -34.86 35.08 8.51
N ALA B 437 -33.58 35.32 8.88
CA ALA B 437 -33.10 36.57 9.47
C ALA B 437 -33.04 37.67 8.41
N ALA B 438 -32.80 37.30 7.13
CA ALA B 438 -32.76 38.20 5.98
C ALA B 438 -34.16 38.71 5.67
N LYS B 439 -35.18 37.84 5.83
CA LYS B 439 -36.60 38.19 5.62
C LYS B 439 -37.13 39.08 6.75
N ARG B 440 -36.50 39.01 7.94
CA ARG B 440 -36.83 39.82 9.11
C ARG B 440 -36.08 41.17 9.03
N ARG B 441 -35.09 41.26 8.11
CA ARG B 441 -34.23 42.42 7.83
C ARG B 441 -33.40 42.84 9.07
N ALA B 442 -32.60 41.88 9.59
CA ALA B 442 -31.74 42.07 10.76
C ALA B 442 -30.29 41.71 10.45
N LYS B 443 -29.33 42.49 11.02
CA LYS B 443 -27.90 42.29 10.86
C LYS B 443 -27.34 41.27 11.87
N GLN B 444 -28.19 40.82 12.81
CA GLN B 444 -27.84 39.85 13.85
C GLN B 444 -28.83 38.68 13.84
N VAL B 445 -28.30 37.45 13.67
CA VAL B 445 -29.11 36.22 13.67
C VAL B 445 -29.25 35.79 15.14
N GLY B 446 -30.47 35.86 15.66
CA GLY B 446 -30.78 35.56 17.06
C GLY B 446 -31.32 34.16 17.36
N VAL B 447 -31.79 33.97 18.61
CA VAL B 447 -32.34 32.70 19.12
C VAL B 447 -33.65 32.29 18.44
N GLU B 448 -34.58 33.25 18.24
CA GLU B 448 -35.87 33.02 17.58
C GLU B 448 -35.71 32.67 16.09
N ASP B 449 -34.55 33.07 15.51
CA ASP B 449 -34.17 32.82 14.13
C ASP B 449 -33.64 31.38 14.00
N VAL B 450 -32.91 30.91 15.03
CA VAL B 450 -32.35 29.55 15.08
C VAL B 450 -33.44 28.55 15.47
N GLN B 451 -34.28 28.88 16.48
CA GLN B 451 -35.41 28.06 16.95
C GLN B 451 -36.38 27.73 15.82
N ARG B 452 -36.47 28.60 14.79
CA ARG B 452 -37.31 28.43 13.61
C ARG B 452 -36.79 27.29 12.75
N SER B 453 -35.49 27.33 12.36
CA SER B 453 -34.82 26.32 11.55
C SER B 453 -34.94 24.92 12.14
N PHE B 454 -34.81 24.80 13.48
CA PHE B 454 -34.93 23.56 14.23
C PHE B 454 -36.36 22.99 14.15
N LYS B 455 -37.37 23.88 14.17
CA LYS B 455 -38.79 23.50 14.09
C LYS B 455 -39.28 23.30 12.65
N LEU B 456 -38.58 23.89 11.67
CA LEU B 456 -38.93 23.77 10.25
C LEU B 456 -38.25 22.54 9.64
N PHE B 457 -36.94 22.41 9.87
CA PHE B 457 -36.09 21.32 9.37
C PHE B 457 -35.71 20.37 10.49
N TYR B 458 -35.99 19.07 10.30
CA TYR B 458 -35.74 18.04 11.31
C TYR B 458 -34.45 17.26 11.07
N ASP B 459 -33.83 16.82 12.18
CA ASP B 459 -32.60 16.01 12.16
C ASP B 459 -32.98 14.55 11.83
N PRO B 460 -32.05 13.70 11.32
CA PRO B 460 -32.42 12.31 10.98
C PRO B 460 -33.19 11.56 12.07
N ALA B 461 -32.73 11.60 13.33
CA ALA B 461 -33.36 10.93 14.47
C ALA B 461 -34.78 11.43 14.79
N ARG B 462 -35.07 12.71 14.52
CA ARG B 462 -36.39 13.31 14.75
C ARG B 462 -37.34 13.06 13.58
N SER B 463 -36.81 13.05 12.34
CA SER B 463 -37.58 12.82 11.13
C SER B 463 -38.12 11.40 11.08
N VAL B 464 -37.28 10.41 11.47
CA VAL B 464 -37.66 8.99 11.53
C VAL B 464 -38.73 8.79 12.63
N ARG B 465 -38.58 9.51 13.76
CA ARG B 465 -39.49 9.51 14.91
C ARG B 465 -40.85 10.00 14.45
N PHE B 466 -40.85 11.07 13.61
CA PHE B 466 -42.03 11.69 13.04
C PHE B 466 -42.78 10.75 12.09
N VAL B 467 -42.03 9.98 11.27
CA VAL B 467 -42.62 9.03 10.32
C VAL B 467 -43.21 7.82 11.07
N GLN B 468 -42.45 7.25 12.02
CA GLN B 468 -42.83 6.09 12.84
C GLN B 468 -44.17 6.27 13.58
N GLU B 469 -44.40 7.46 14.15
CA GLU B 469 -45.64 7.79 14.87
C GLU B 469 -46.81 7.95 13.91
N SER B 470 -46.56 8.56 12.73
CA SER B 470 -47.57 8.77 11.68
C SER B 470 -47.97 7.45 11.03
N GLU B 471 -47.01 6.52 10.89
CA GLU B 471 -47.19 5.18 10.31
C GLU B 471 -48.10 4.33 11.19
N LYS B 472 -47.67 4.07 12.44
CA LYS B 472 -48.43 3.27 13.41
C LYS B 472 -48.25 3.90 14.80
N ARG B 473 -49.38 4.22 15.48
CA ARG B 473 -49.33 4.79 16.84
C ARG B 473 -48.91 3.70 17.84
N LEU B 474 -47.59 3.55 18.01
CA LEU B 474 -46.93 2.56 18.87
C LEU B 474 -47.45 2.55 20.31
N ILE B 475 -47.71 3.76 20.87
CA ILE B 475 -48.22 3.94 22.23
C ILE B 475 -49.50 4.78 22.15
N GLY B 476 -50.57 4.29 22.77
CA GLY B 476 -51.87 4.97 22.80
C GLY B 476 -51.96 6.08 23.83
N ASN B 477 -53.17 6.63 24.00
CA ASN B 477 -53.46 7.71 24.96
C ASN B 477 -53.47 7.17 26.39
N ASP B 478 -53.97 5.94 26.57
CA ASP B 478 -54.06 5.20 27.85
C ASP B 478 -52.68 4.91 28.44
N GLY B 479 -51.69 4.77 27.56
CA GLY B 479 -50.32 4.42 27.91
C GLY B 479 -50.05 2.97 27.56
N VAL B 480 -51.04 2.30 26.93
CA VAL B 480 -50.99 0.91 26.52
C VAL B 480 -50.32 0.80 25.15
N VAL B 481 -49.42 -0.19 25.00
CA VAL B 481 -48.69 -0.49 23.77
C VAL B 481 -49.51 -1.48 22.94
N ASP B 482 -49.44 -1.38 21.58
CA ASP B 482 -50.14 -2.22 20.60
C ASP B 482 -51.66 -2.09 20.70
PG ATP C . -1.89 -16.32 12.74
O1G ATP C . -2.40 -16.30 14.14
O2G ATP C . -2.49 -17.36 11.87
O3G ATP C . -1.73 -14.99 12.12
PB ATP C . 0.53 -16.79 14.16
O1B ATP C . -0.17 -17.64 15.14
O2B ATP C . 1.92 -17.12 13.82
O3B ATP C . -0.35 -16.82 12.83
PA ATP C . 1.47 -14.10 14.30
O1A ATP C . 0.80 -13.08 13.47
O2A ATP C . 2.73 -14.70 13.82
O3A ATP C . 0.39 -15.26 14.64
O5' ATP C . 1.75 -13.50 15.78
C5' ATP C . 2.39 -12.24 15.97
C4' ATP C . 3.77 -12.40 16.62
O4' ATP C . 3.81 -13.48 17.61
C3' ATP C . 4.81 -12.75 15.56
O3' ATP C . 5.93 -11.85 15.66
C2' ATP C . 5.20 -14.17 15.94
O2' ATP C . 6.53 -14.48 15.53
C1' ATP C . 5.08 -14.12 17.43
N9 ATP C . 5.15 -15.47 18.06
C8 ATP C . 4.17 -16.37 18.11
N7 ATP C . 4.63 -17.45 18.74
C5 ATP C . 5.89 -17.22 19.10
C6 ATP C . 6.79 -17.97 19.76
N6 ATP C . 6.40 -19.18 20.14
N1 ATP C . 8.03 -17.53 20.02
C2 ATP C . 8.40 -16.25 19.61
N3 ATP C . 7.44 -15.49 18.91
C4 ATP C . 6.22 -15.99 18.68
#